data_1NNO
#
_entry.id   1NNO
#
_cell.length_a   166.072
_cell.length_b   88.110
_cell.length_c   113.981
_cell.angle_alpha   90.00
_cell.angle_beta   90.00
_cell.angle_gamma   90.00
#
_symmetry.space_group_name_H-M   'P 21 21 2'
#
loop_
_entity.id
_entity.type
_entity.pdbx_description
1 polymer 'NITRITE REDUCTASE'
2 non-polymer 'HEME C'
3 non-polymer 'HEME D'
4 non-polymer 'NITRIC OXIDE'
5 water water
#
_entity_poly.entity_id   1
_entity_poly.type   'polypeptide(L)'
_entity_poly.pdbx_seq_one_letter_code
;KDDMKAAEQYQGAASAVDPAHVVRTNGAPDMSESEFNEAKQIYFQRCAGCHGVLRKGATGKPLTPDITQQRGQQYLEALI
TYGTPLGMPNWGSSGELSKEQITLMAKYIQHTPPQPPEWGMPEMRESWKVLVKPEDRPKKQLNDLDLPNLFSVTLRDAGQ
IALVDGDSKKIVKVIDTGYAVHISRMSASGRYLLVIGRDARIDMIDLWAKEPTKVAEIKIGIEARSVESSKFKGYEDRYT
IAGAYWPPQFAIMDGETLEPKQIVSTRGMTVDTQTYHPEPRVAAIIASHEHPEFIVNVKETGKVLLVNYKDIDNLTVTSI
GAAPFLHDGGWDSSHRYFMTAANNSNKVAVIDSKDRRLSALVDVGKTPHPGRGANFVHPKYGPVWSTSHLGDGSISLIGT
DPKNHPQYAWKKVAELQGQGGGSLFIKTHPKSSHLYVDTTFNPDARISQSVAVFDLKNLDAKYQVLPIAEWADLGEGAKR
VVQPEYNKRGDEVWFSVWNGKNDSSALVVVDDKTLKLKAVVKDPRLITPTGKFNVYNTQHDVY
;
_entity_poly.pdbx_strand_id   A,B
#
loop_
_chem_comp.id
_chem_comp.type
_chem_comp.name
_chem_comp.formula
DHE non-polymer 'HEME D' 'C34 H32 Fe N4 O10'
HEC non-polymer 'HEME C' 'C34 H34 Fe N4 O4'
NO non-polymer 'NITRIC OXIDE' 'N O'
#
# COMPACT_ATOMS: atom_id res chain seq x y z
N LYS A 5 -26.91 -17.26 -12.50
CA LYS A 5 -27.02 -17.08 -13.99
C LYS A 5 -27.17 -15.60 -14.36
N ALA A 6 -27.64 -14.80 -13.42
CA ALA A 6 -27.80 -13.37 -13.61
C ALA A 6 -26.39 -12.81 -13.35
N ALA A 7 -25.79 -13.29 -12.26
CA ALA A 7 -24.44 -12.91 -11.83
C ALA A 7 -23.43 -13.30 -12.90
N GLU A 8 -23.80 -14.31 -13.67
CA GLU A 8 -22.98 -14.83 -14.76
C GLU A 8 -22.87 -13.87 -15.93
N GLN A 9 -24.01 -13.32 -16.36
CA GLN A 9 -24.05 -12.38 -17.49
C GLN A 9 -23.60 -10.99 -17.07
N TYR A 10 -23.78 -10.70 -15.78
CA TYR A 10 -23.41 -9.43 -15.18
C TYR A 10 -21.89 -9.22 -15.27
N GLN A 11 -21.12 -10.28 -15.11
CA GLN A 11 -19.67 -10.18 -15.20
C GLN A 11 -19.14 -10.88 -16.45
N GLY A 12 -20.00 -10.97 -17.47
CA GLY A 12 -19.65 -11.61 -18.72
C GLY A 12 -19.18 -10.72 -19.88
N ALA A 13 -18.55 -9.60 -19.56
CA ALA A 13 -18.02 -8.68 -20.57
C ALA A 13 -16.50 -8.84 -20.49
N ALA A 14 -15.80 -8.47 -21.56
CA ALA A 14 -14.34 -8.60 -21.58
C ALA A 14 -13.56 -7.65 -20.69
N SER A 15 -12.38 -8.10 -20.27
CA SER A 15 -11.51 -7.29 -19.44
C SER A 15 -10.85 -6.28 -20.38
N ALA A 16 -10.74 -5.03 -19.92
CA ALA A 16 -10.10 -3.97 -20.72
C ALA A 16 -8.61 -4.22 -20.97
N VAL A 17 -8.02 -5.20 -20.27
CA VAL A 17 -6.60 -5.55 -20.43
C VAL A 17 -6.34 -6.22 -21.79
N ASP A 18 -5.27 -5.77 -22.42
CA ASP A 18 -4.83 -6.27 -23.73
C ASP A 18 -3.88 -7.46 -23.51
N PRO A 19 -4.27 -8.70 -23.88
CA PRO A 19 -3.44 -9.87 -23.69
C PRO A 19 -2.04 -9.76 -24.28
N ALA A 20 -1.91 -9.08 -25.40
CA ALA A 20 -0.60 -8.92 -26.05
C ALA A 20 0.40 -8.16 -25.14
N HIS A 21 -0.13 -7.42 -24.17
CA HIS A 21 0.74 -6.63 -23.24
C HIS A 21 0.97 -7.38 -21.90
N VAL A 22 0.29 -8.53 -21.76
CA VAL A 22 0.50 -9.41 -20.59
C VAL A 22 1.59 -10.38 -21.04
N VAL A 23 2.75 -10.28 -20.45
CA VAL A 23 3.89 -11.08 -20.94
C VAL A 23 4.24 -12.37 -20.17
N ARG A 24 4.28 -13.45 -20.96
CA ARG A 24 4.68 -14.77 -20.46
C ARG A 24 6.17 -14.66 -20.20
N THR A 25 6.64 -15.39 -19.25
CA THR A 25 8.05 -15.33 -18.90
C THR A 25 8.78 -16.57 -19.39
N ASN A 26 9.99 -16.34 -19.87
CA ASN A 26 10.84 -17.44 -20.29
C ASN A 26 11.66 -17.17 -21.54
N GLY A 27 12.57 -18.11 -21.68
CA GLY A 27 13.54 -18.17 -22.76
C GLY A 27 14.92 -18.14 -22.14
N ALA A 28 14.99 -18.70 -20.94
CA ALA A 28 16.22 -18.76 -20.15
C ALA A 28 16.92 -20.11 -20.32
N PRO A 29 18.21 -20.17 -19.95
CA PRO A 29 18.99 -21.40 -20.05
C PRO A 29 18.40 -22.48 -19.19
N ASP A 30 18.13 -23.62 -19.79
CA ASP A 30 17.57 -24.76 -19.06
C ASP A 30 18.50 -25.14 -17.91
N MET A 31 17.93 -25.25 -16.74
CA MET A 31 18.71 -25.67 -15.56
C MET A 31 17.82 -26.47 -14.62
N SER A 32 18.35 -27.66 -14.32
CA SER A 32 17.63 -28.63 -13.51
C SER A 32 17.16 -28.10 -12.16
N GLU A 33 16.53 -29.00 -11.40
CA GLU A 33 16.01 -28.69 -10.08
C GLU A 33 17.15 -28.35 -9.12
N SER A 34 18.26 -29.08 -9.24
CA SER A 34 19.41 -28.87 -8.36
C SER A 34 20.28 -27.69 -8.76
N GLU A 35 20.42 -27.49 -10.07
CA GLU A 35 21.20 -26.37 -10.59
C GLU A 35 20.52 -25.08 -10.13
N PHE A 36 19.19 -25.11 -10.11
CA PHE A 36 18.38 -23.96 -9.68
C PHE A 36 18.43 -23.74 -8.16
N ASN A 37 18.26 -24.81 -7.38
CA ASN A 37 18.29 -24.71 -5.93
C ASN A 37 19.66 -24.27 -5.39
N GLU A 38 20.73 -24.61 -6.09
CA GLU A 38 22.08 -24.22 -5.66
C GLU A 38 22.29 -22.74 -5.94
N ALA A 39 21.77 -22.32 -7.09
CA ALA A 39 21.86 -20.91 -7.50
C ALA A 39 21.00 -20.05 -6.55
N LYS A 40 19.89 -20.63 -6.13
CA LYS A 40 18.95 -19.98 -5.22
C LYS A 40 19.54 -19.90 -3.81
N GLN A 41 20.31 -20.93 -3.46
CA GLN A 41 20.96 -21.02 -2.13
C GLN A 41 22.05 -19.94 -2.00
N ILE A 42 22.75 -19.72 -3.09
CA ILE A 42 23.83 -18.72 -3.15
C ILE A 42 23.26 -17.31 -3.18
N TYR A 43 22.24 -17.12 -3.99
CA TYR A 43 21.63 -15.81 -4.17
C TYR A 43 21.25 -15.10 -2.85
N PHE A 44 20.67 -15.82 -1.89
CA PHE A 44 20.25 -15.15 -0.64
C PHE A 44 21.42 -15.00 0.34
N GLN A 45 22.40 -15.87 0.23
CA GLN A 45 23.59 -15.82 1.09
C GLN A 45 24.57 -14.71 0.69
N ARG A 46 24.66 -14.47 -0.61
CA ARG A 46 25.62 -13.50 -1.14
C ARG A 46 25.03 -12.28 -1.89
N CYS A 47 23.87 -12.45 -2.54
CA CYS A 47 23.33 -11.37 -3.41
C CYS A 47 22.07 -10.58 -2.95
N ALA A 48 21.13 -11.24 -2.33
CA ALA A 48 19.80 -10.65 -1.94
C ALA A 48 19.84 -9.30 -1.16
N GLY A 49 20.81 -9.13 -0.30
CA GLY A 49 20.93 -7.90 0.50
C GLY A 49 20.98 -6.65 -0.39
N CYS A 50 21.91 -6.65 -1.32
CA CYS A 50 22.09 -5.50 -2.22
C CYS A 50 21.09 -5.48 -3.39
N HIS A 51 20.84 -6.63 -4.00
CA HIS A 51 19.96 -6.68 -5.19
C HIS A 51 18.46 -6.86 -4.87
N GLY A 52 18.13 -7.31 -3.66
CA GLY A 52 16.71 -7.46 -3.24
C GLY A 52 16.14 -8.85 -3.54
N VAL A 53 15.18 -9.20 -2.76
CA VAL A 53 14.57 -10.53 -2.76
C VAL A 53 13.89 -10.83 -4.11
N LEU A 54 13.31 -9.76 -4.69
CA LEU A 54 12.58 -9.86 -5.97
C LEU A 54 13.46 -9.44 -7.16
N ARG A 55 14.61 -8.85 -6.85
CA ARG A 55 15.63 -8.45 -7.86
C ARG A 55 15.19 -7.23 -8.69
N LYS A 56 14.45 -6.29 -8.03
CA LYS A 56 14.01 -5.09 -8.75
C LYS A 56 15.04 -3.98 -8.57
N GLY A 57 15.94 -4.27 -7.67
CA GLY A 57 17.09 -3.43 -7.41
C GLY A 57 16.86 -2.53 -6.18
N ALA A 58 17.78 -2.67 -5.27
CA ALA A 58 17.85 -1.90 -4.03
C ALA A 58 19.13 -1.08 -4.18
N THR A 59 20.11 -1.39 -3.40
CA THR A 59 21.40 -0.70 -3.51
C THR A 59 21.97 -0.90 -4.94
N GLY A 60 21.76 -2.11 -5.48
CA GLY A 60 22.24 -2.50 -6.83
C GLY A 60 21.10 -2.54 -7.85
N LYS A 61 21.55 -2.53 -9.16
CA LYS A 61 20.68 -2.54 -10.35
C LYS A 61 19.76 -3.76 -10.35
N PRO A 62 18.60 -3.61 -11.08
CA PRO A 62 17.64 -4.68 -11.21
C PRO A 62 18.24 -5.84 -11.95
N LEU A 63 17.93 -7.04 -11.48
CA LEU A 63 18.42 -8.31 -12.08
C LEU A 63 17.24 -9.15 -12.57
N THR A 64 16.23 -8.53 -13.13
CA THR A 64 15.04 -9.25 -13.61
C THR A 64 15.29 -9.76 -15.04
N PRO A 65 14.56 -10.83 -15.46
CA PRO A 65 14.77 -11.45 -16.75
C PRO A 65 14.83 -10.51 -17.92
N ASP A 66 14.02 -9.49 -17.93
CA ASP A 66 14.05 -8.55 -19.07
C ASP A 66 15.48 -8.00 -19.28
N ILE A 67 16.09 -7.48 -18.23
CA ILE A 67 17.45 -6.90 -18.32
C ILE A 67 18.53 -7.97 -18.41
N THR A 68 18.52 -9.03 -17.60
CA THR A 68 19.55 -10.07 -17.64
C THR A 68 19.60 -10.89 -18.93
N GLN A 69 18.45 -11.09 -19.58
CA GLN A 69 18.43 -11.84 -20.85
C GLN A 69 19.01 -10.96 -21.98
N GLN A 70 18.83 -9.66 -21.85
CA GLN A 70 19.36 -8.68 -22.81
C GLN A 70 20.89 -8.68 -22.73
N ARG A 71 21.43 -8.70 -21.51
CA ARG A 71 22.87 -8.73 -21.28
C ARG A 71 23.42 -10.06 -21.79
N GLY A 72 22.65 -11.13 -21.57
CA GLY A 72 23.07 -12.45 -22.02
C GLY A 72 24.01 -13.15 -21.05
N GLN A 73 24.31 -14.40 -21.35
CA GLN A 73 25.19 -15.24 -20.53
C GLN A 73 26.61 -14.73 -20.25
N GLN A 74 27.36 -14.42 -21.31
CA GLN A 74 28.75 -13.97 -21.16
C GLN A 74 28.95 -12.65 -20.44
N TYR A 75 28.10 -11.66 -20.69
CA TYR A 75 28.21 -10.37 -20.02
C TYR A 75 27.98 -10.67 -18.53
N LEU A 76 26.93 -11.42 -18.23
CA LEU A 76 26.61 -11.76 -16.85
C LEU A 76 27.76 -12.45 -16.12
N GLU A 77 28.33 -13.49 -16.73
CA GLU A 77 29.44 -14.22 -16.11
C GLU A 77 30.64 -13.33 -15.86
N ALA A 78 31.00 -12.52 -16.87
CA ALA A 78 32.14 -11.62 -16.74
C ALA A 78 31.88 -10.59 -15.64
N LEU A 79 30.70 -9.99 -15.65
CA LEU A 79 30.39 -8.99 -14.63
C LEU A 79 30.44 -9.56 -13.21
N ILE A 80 29.76 -10.68 -12.99
CA ILE A 80 29.76 -11.33 -11.67
C ILE A 80 31.19 -11.69 -11.27
N THR A 81 32.01 -12.07 -12.25
CA THR A 81 33.39 -12.47 -12.00
C THR A 81 34.30 -11.35 -11.50
N TYR A 82 34.50 -10.32 -12.31
CA TYR A 82 35.39 -9.21 -11.96
C TYR A 82 34.74 -8.10 -11.13
N GLY A 83 33.42 -8.04 -11.13
CA GLY A 83 32.70 -7.01 -10.41
C GLY A 83 32.87 -5.67 -11.08
N THR A 84 32.68 -4.59 -10.32
CA THR A 84 32.82 -3.22 -10.81
C THR A 84 33.30 -2.36 -9.65
N PRO A 85 33.78 -1.14 -9.94
CA PRO A 85 34.25 -0.27 -8.86
C PRO A 85 33.15 0.48 -8.10
N LEU A 86 31.91 0.41 -8.61
CA LEU A 86 30.78 1.11 -7.99
C LEU A 86 29.95 0.28 -6.99
N GLY A 87 30.60 -0.65 -6.30
CA GLY A 87 29.90 -1.45 -5.31
C GLY A 87 29.67 -2.93 -5.59
N MET A 88 29.82 -3.36 -6.83
CA MET A 88 29.61 -4.77 -7.19
C MET A 88 30.87 -5.61 -6.96
N PRO A 89 30.87 -6.46 -5.93
CA PRO A 89 32.02 -7.32 -5.60
C PRO A 89 32.48 -8.26 -6.70
N ASN A 90 33.79 -8.49 -6.73
CA ASN A 90 34.40 -9.38 -7.72
C ASN A 90 34.36 -10.82 -7.21
N TRP A 91 33.25 -11.50 -7.47
CA TRP A 91 33.07 -12.86 -6.99
C TRP A 91 34.03 -13.90 -7.55
N GLY A 92 34.51 -13.67 -8.78
CA GLY A 92 35.44 -14.58 -9.41
C GLY A 92 36.91 -14.25 -9.11
N SER A 93 37.31 -12.99 -9.34
CA SER A 93 38.68 -12.56 -9.08
C SER A 93 39.10 -12.92 -7.65
N SER A 94 38.26 -12.56 -6.67
CA SER A 94 38.53 -12.82 -5.27
C SER A 94 38.49 -14.31 -4.93
N GLY A 95 37.96 -15.09 -5.88
CA GLY A 95 37.87 -16.53 -5.68
C GLY A 95 36.82 -16.91 -4.67
N GLU A 96 35.85 -16.02 -4.46
CA GLU A 96 34.76 -16.25 -3.52
C GLU A 96 33.76 -17.27 -4.08
N LEU A 97 33.57 -17.25 -5.40
CA LEU A 97 32.67 -18.17 -6.10
C LEU A 97 33.42 -18.81 -7.25
N SER A 98 33.24 -20.11 -7.44
CA SER A 98 33.90 -20.85 -8.52
C SER A 98 33.30 -20.46 -9.86
N LYS A 99 34.00 -20.72 -10.95
CA LYS A 99 33.48 -20.41 -12.27
C LYS A 99 32.17 -21.16 -12.52
N GLU A 100 32.09 -22.38 -11.97
CA GLU A 100 30.90 -23.23 -12.11
C GLU A 100 29.68 -22.57 -11.45
N GLN A 101 29.88 -22.01 -10.26
CA GLN A 101 28.81 -21.34 -9.52
C GLN A 101 28.40 -20.07 -10.23
N ILE A 102 29.38 -19.26 -10.62
CA ILE A 102 29.14 -18.01 -11.33
C ILE A 102 28.33 -18.27 -12.61
N THR A 103 28.56 -19.44 -13.22
CA THR A 103 27.85 -19.83 -14.43
C THR A 103 26.38 -20.10 -14.10
N LEU A 104 26.13 -20.73 -12.96
CA LEU A 104 24.77 -21.05 -12.51
C LEU A 104 24.03 -19.78 -12.08
N MET A 105 24.76 -18.83 -11.52
CA MET A 105 24.17 -17.57 -11.08
C MET A 105 23.73 -16.78 -12.30
N ALA A 106 24.56 -16.79 -13.35
CA ALA A 106 24.26 -16.08 -14.58
C ALA A 106 23.00 -16.67 -15.21
N LYS A 107 22.82 -17.97 -15.05
CA LYS A 107 21.63 -18.66 -15.57
C LYS A 107 20.40 -18.42 -14.69
N TYR A 108 20.63 -18.37 -13.38
CA TYR A 108 19.60 -18.16 -12.38
C TYR A 108 18.95 -16.79 -12.50
N ILE A 109 19.77 -15.76 -12.62
CA ILE A 109 19.23 -14.41 -12.73
C ILE A 109 18.52 -14.18 -14.06
N GLN A 110 18.48 -15.19 -14.92
CA GLN A 110 17.80 -15.07 -16.21
C GLN A 110 16.39 -15.67 -16.18
N HIS A 111 16.02 -16.27 -15.05
CA HIS A 111 14.69 -16.86 -14.87
C HIS A 111 13.83 -15.91 -14.06
N THR A 112 12.56 -16.27 -13.88
CA THR A 112 11.65 -15.48 -13.09
C THR A 112 12.08 -15.70 -11.64
N PRO A 113 12.18 -14.61 -10.86
CA PRO A 113 12.59 -14.76 -9.46
C PRO A 113 11.61 -15.65 -8.71
N PRO A 114 12.12 -16.61 -7.93
CA PRO A 114 11.20 -17.48 -7.17
C PRO A 114 10.49 -16.59 -6.16
N GLN A 115 9.27 -16.97 -5.77
CA GLN A 115 8.48 -16.19 -4.82
C GLN A 115 8.58 -16.68 -3.38
N PRO A 116 8.96 -15.77 -2.45
CA PRO A 116 9.11 -16.01 -1.01
C PRO A 116 7.71 -16.00 -0.41
N PRO A 117 7.50 -16.69 0.72
CA PRO A 117 6.17 -16.71 1.32
C PRO A 117 5.75 -15.37 1.92
N GLU A 118 4.44 -15.15 1.94
CA GLU A 118 3.90 -13.96 2.55
C GLU A 118 3.87 -14.23 4.04
N TRP A 119 3.40 -13.27 4.83
CA TRP A 119 3.37 -13.42 6.27
C TRP A 119 2.36 -12.46 6.89
N GLY A 120 1.12 -12.90 7.03
CA GLY A 120 0.07 -12.07 7.61
C GLY A 120 -0.29 -12.44 9.04
N MET A 121 -1.51 -12.08 9.45
CA MET A 121 -2.04 -12.35 10.79
C MET A 121 -2.05 -13.82 11.21
N PRO A 122 -2.45 -14.74 10.29
CA PRO A 122 -2.46 -16.15 10.67
C PRO A 122 -1.09 -16.62 11.13
N GLU A 123 -0.06 -16.28 10.37
CA GLU A 123 1.31 -16.67 10.71
C GLU A 123 1.81 -15.92 11.94
N MET A 124 1.37 -14.68 12.12
CA MET A 124 1.79 -13.88 13.27
C MET A 124 1.18 -14.40 14.57
N ARG A 125 -0.09 -14.80 14.52
CA ARG A 125 -0.77 -15.31 15.71
C ARG A 125 -0.24 -16.69 16.06
N GLU A 126 0.12 -17.46 15.05
CA GLU A 126 0.65 -18.80 15.25
C GLU A 126 2.04 -18.75 15.89
N SER A 127 2.76 -17.65 15.66
CA SER A 127 4.10 -17.48 16.19
C SER A 127 4.09 -16.77 17.52
N TRP A 128 2.99 -16.07 17.78
CA TRP A 128 2.79 -15.32 19.02
C TRP A 128 2.64 -16.20 20.26
N LYS A 129 3.29 -15.79 21.35
CA LYS A 129 3.25 -16.51 22.63
C LYS A 129 3.30 -15.52 23.78
N VAL A 130 2.51 -15.77 24.81
CA VAL A 130 2.54 -14.95 26.01
C VAL A 130 3.14 -15.90 27.03
N LEU A 131 4.40 -15.67 27.38
CA LEU A 131 5.08 -16.55 28.33
C LEU A 131 4.66 -16.31 29.78
N VAL A 132 4.39 -15.06 30.12
CA VAL A 132 3.94 -14.69 31.46
C VAL A 132 2.86 -13.62 31.31
N LYS A 133 1.63 -14.01 31.63
CA LYS A 133 0.49 -13.12 31.53
C LYS A 133 0.70 -11.87 32.36
N PRO A 134 0.19 -10.72 31.88
CA PRO A 134 0.32 -9.43 32.57
C PRO A 134 -0.01 -9.50 34.07
N GLU A 135 -1.10 -10.18 34.39
CA GLU A 135 -1.57 -10.34 35.77
C GLU A 135 -0.62 -11.19 36.63
N ASP A 136 0.22 -11.99 35.99
CA ASP A 136 1.19 -12.82 36.71
C ASP A 136 2.57 -12.19 36.79
N ARG A 137 2.70 -10.95 36.34
CA ARG A 137 3.99 -10.27 36.37
C ARG A 137 4.15 -9.42 37.61
N PRO A 138 5.40 -9.25 38.08
CA PRO A 138 5.71 -8.45 39.27
C PRO A 138 5.08 -7.06 39.22
N LYS A 139 4.70 -6.56 40.40
CA LYS A 139 4.09 -5.25 40.53
C LYS A 139 5.17 -4.24 40.91
N LYS A 140 6.30 -4.76 41.40
CA LYS A 140 7.45 -3.97 41.80
C LYS A 140 8.72 -4.69 41.28
N GLN A 141 9.83 -3.96 41.23
CA GLN A 141 11.11 -4.52 40.79
C GLN A 141 11.59 -5.52 41.83
N LEU A 142 11.51 -6.80 41.48
CA LEU A 142 11.89 -7.89 42.39
C LEU A 142 13.40 -8.20 42.47
N ASN A 143 14.24 -7.25 42.05
CA ASN A 143 15.68 -7.46 42.10
C ASN A 143 16.44 -6.19 42.45
N ASP A 144 17.74 -6.34 42.72
CA ASP A 144 18.58 -5.21 43.12
C ASP A 144 19.44 -4.62 42.01
N LEU A 145 19.12 -4.97 40.77
CA LEU A 145 19.87 -4.47 39.62
C LEU A 145 19.58 -2.98 39.36
N ASP A 146 20.62 -2.27 38.93
CA ASP A 146 20.53 -0.84 38.60
C ASP A 146 20.11 -0.85 37.13
N LEU A 147 18.84 -1.18 36.89
CA LEU A 147 18.29 -1.27 35.52
C LEU A 147 18.74 -0.16 34.59
N PRO A 148 18.64 1.11 35.03
CA PRO A 148 19.05 2.26 34.20
C PRO A 148 20.45 2.15 33.58
N ASN A 149 21.42 1.66 34.34
CA ASN A 149 22.77 1.52 33.82
C ASN A 149 23.11 0.14 33.24
N LEU A 150 22.08 -0.66 32.96
CA LEU A 150 22.30 -1.98 32.38
C LEU A 150 22.58 -1.77 30.89
N PHE A 151 23.18 -2.77 30.25
CA PHE A 151 23.48 -2.71 28.82
C PHE A 151 22.92 -3.97 28.19
N SER A 152 22.30 -3.82 27.02
CA SER A 152 21.77 -4.97 26.30
C SER A 152 22.67 -5.12 25.08
N VAL A 153 23.63 -6.02 25.21
CA VAL A 153 24.62 -6.31 24.19
C VAL A 153 24.16 -7.48 23.33
N THR A 154 24.35 -7.37 22.01
CA THR A 154 23.96 -8.44 21.10
C THR A 154 25.09 -9.45 20.91
N LEU A 155 24.82 -10.70 21.14
CA LEU A 155 25.72 -11.82 20.83
C LEU A 155 25.26 -12.40 19.49
N ARG A 156 25.45 -11.56 18.48
CA ARG A 156 24.99 -11.80 17.10
C ARG A 156 24.79 -13.27 16.63
N ASP A 157 25.87 -13.98 16.38
CA ASP A 157 25.78 -15.37 15.82
C ASP A 157 25.31 -16.45 16.82
N ALA A 158 25.06 -16.07 18.05
CA ALA A 158 24.61 -17.03 19.07
C ALA A 158 23.09 -16.96 19.24
N GLY A 159 22.45 -15.99 18.60
CA GLY A 159 21.02 -15.83 18.71
C GLY A 159 20.67 -15.55 20.16
N GLN A 160 21.43 -14.64 20.78
CA GLN A 160 21.24 -14.26 22.17
C GLN A 160 21.65 -12.81 22.38
N ILE A 161 21.31 -12.29 23.55
CA ILE A 161 21.68 -10.93 23.95
C ILE A 161 22.24 -11.11 25.36
N ALA A 162 23.01 -10.14 25.83
CA ALA A 162 23.60 -10.22 27.16
C ALA A 162 23.29 -8.95 27.93
N LEU A 163 22.86 -9.11 29.18
CA LEU A 163 22.58 -7.96 30.02
C LEU A 163 23.84 -7.75 30.86
N VAL A 164 24.58 -6.69 30.57
CA VAL A 164 25.81 -6.40 31.29
C VAL A 164 25.65 -5.20 32.23
N ASP A 165 26.04 -5.41 33.49
CA ASP A 165 25.96 -4.35 34.50
C ASP A 165 27.05 -3.33 34.24
N GLY A 166 26.64 -2.10 33.95
CA GLY A 166 27.58 -1.02 33.64
C GLY A 166 28.70 -0.75 34.63
N ASP A 167 28.40 -0.78 35.93
CA ASP A 167 29.43 -0.52 36.93
C ASP A 167 30.33 -1.70 37.30
N SER A 168 29.77 -2.91 37.36
CA SER A 168 30.56 -4.07 37.70
C SER A 168 31.27 -4.69 36.49
N LYS A 169 30.73 -4.47 35.29
CA LYS A 169 31.29 -5.01 34.05
C LYS A 169 31.09 -6.50 33.90
N LYS A 170 30.12 -7.05 34.64
CA LYS A 170 29.85 -8.48 34.58
C LYS A 170 28.54 -8.80 33.88
N ILE A 171 28.48 -9.98 33.26
CA ILE A 171 27.29 -10.43 32.57
C ILE A 171 26.35 -10.92 33.65
N VAL A 172 25.15 -10.34 33.68
CA VAL A 172 24.13 -10.65 34.66
C VAL A 172 23.20 -11.77 34.17
N LYS A 173 23.08 -11.91 32.85
CA LYS A 173 22.20 -12.91 32.27
C LYS A 173 22.36 -12.96 30.75
N VAL A 174 22.24 -14.17 30.19
CA VAL A 174 22.31 -14.37 28.74
C VAL A 174 20.94 -14.96 28.40
N ILE A 175 20.22 -14.30 27.51
CA ILE A 175 18.87 -14.70 27.11
C ILE A 175 18.79 -15.10 25.64
N ASP A 176 18.08 -16.20 25.36
CA ASP A 176 17.91 -16.69 24.00
C ASP A 176 16.91 -15.81 23.25
N THR A 177 17.32 -15.35 22.07
CA THR A 177 16.49 -14.46 21.27
C THR A 177 16.44 -14.95 19.83
N GLY A 178 16.16 -14.03 18.91
CA GLY A 178 16.12 -14.36 17.49
C GLY A 178 17.54 -14.29 16.97
N TYR A 179 17.78 -14.84 15.77
CA TYR A 179 19.16 -14.88 15.27
C TYR A 179 19.66 -13.46 14.95
N ALA A 180 20.94 -13.25 15.25
CA ALA A 180 21.62 -11.95 15.03
C ALA A 180 20.62 -10.82 15.26
N VAL A 181 20.46 -10.45 16.52
CA VAL A 181 19.52 -9.39 16.90
C VAL A 181 20.08 -8.11 16.36
N HIS A 182 19.26 -7.29 15.77
CA HIS A 182 19.78 -6.06 15.17
C HIS A 182 19.81 -4.91 16.16
N ILE A 183 18.77 -4.59 16.89
CA ILE A 183 18.78 -3.51 17.86
C ILE A 183 18.03 -3.87 19.13
N SER A 184 18.20 -3.00 20.13
CA SER A 184 17.50 -3.16 21.41
C SER A 184 16.77 -1.84 21.60
N ARG A 185 15.58 -1.90 22.16
CA ARG A 185 14.79 -0.70 22.42
C ARG A 185 14.09 -0.84 23.76
N MET A 186 13.99 0.26 24.50
CA MET A 186 13.35 0.22 25.80
C MET A 186 11.93 0.76 25.73
N SER A 187 11.07 0.25 26.59
CA SER A 187 9.70 0.74 26.64
C SER A 187 9.76 2.10 27.36
N ALA A 188 8.76 2.95 27.14
CA ALA A 188 8.69 4.27 27.78
C ALA A 188 8.77 4.27 29.30
N SER A 189 8.31 3.19 29.94
CA SER A 189 8.36 3.08 31.39
C SER A 189 9.72 2.61 31.91
N GLY A 190 10.52 2.05 31.01
CA GLY A 190 11.85 1.58 31.39
C GLY A 190 11.84 0.22 32.06
N ARG A 191 10.72 -0.47 31.95
CA ARG A 191 10.58 -1.79 32.54
C ARG A 191 10.85 -2.92 31.55
N TYR A 192 10.33 -2.78 30.33
CA TYR A 192 10.49 -3.81 29.31
C TYR A 192 11.58 -3.57 28.26
N LEU A 193 12.37 -4.61 28.01
CA LEU A 193 13.41 -4.56 26.98
C LEU A 193 12.80 -5.20 25.73
N LEU A 194 13.01 -4.57 24.59
CA LEU A 194 12.48 -5.06 23.33
C LEU A 194 13.64 -5.30 22.36
N VAL A 195 13.86 -6.56 22.02
CA VAL A 195 14.91 -6.94 21.09
C VAL A 195 14.24 -7.62 19.89
N ILE A 196 14.82 -7.48 18.71
CA ILE A 196 14.26 -8.09 17.51
C ILE A 196 15.38 -8.63 16.64
N GLY A 197 15.28 -9.89 16.26
CA GLY A 197 16.30 -10.50 15.44
C GLY A 197 16.12 -10.15 13.98
N ARG A 198 17.10 -10.46 13.14
CA ARG A 198 16.97 -10.15 11.73
C ARG A 198 15.93 -11.04 11.05
N ASP A 199 15.51 -12.07 11.77
CA ASP A 199 14.50 -13.03 11.29
C ASP A 199 13.10 -12.57 11.67
N ALA A 200 12.99 -11.34 12.17
CA ALA A 200 11.72 -10.76 12.57
C ALA A 200 11.11 -11.30 13.86
N ARG A 201 11.90 -12.05 14.63
CA ARG A 201 11.41 -12.58 15.89
C ARG A 201 11.69 -11.53 16.96
N ILE A 202 10.62 -11.10 17.62
CA ILE A 202 10.72 -10.10 18.67
C ILE A 202 10.56 -10.75 20.03
N ASP A 203 11.38 -10.34 20.98
CA ASP A 203 11.31 -10.86 22.32
C ASP A 203 11.13 -9.70 23.28
N MET A 204 10.15 -9.83 24.17
CA MET A 204 9.85 -8.82 25.20
C MET A 204 10.38 -9.36 26.53
N ILE A 205 11.26 -8.59 27.17
CA ILE A 205 11.88 -9.02 28.41
C ILE A 205 11.52 -8.12 29.60
N ASP A 206 11.05 -8.71 30.69
CA ASP A 206 10.69 -7.97 31.89
C ASP A 206 11.95 -7.80 32.74
N LEU A 207 12.33 -6.55 32.95
CA LEU A 207 13.52 -6.23 33.74
C LEU A 207 13.22 -6.22 35.25
N TRP A 208 11.95 -6.40 35.62
CA TRP A 208 11.55 -6.40 37.03
C TRP A 208 11.53 -7.76 37.70
N ALA A 209 11.28 -8.82 36.94
CA ALA A 209 11.23 -10.18 37.51
C ALA A 209 12.51 -10.52 38.31
N LYS A 210 12.43 -11.55 39.16
CA LYS A 210 13.58 -11.99 39.97
C LYS A 210 14.87 -11.89 39.17
N GLU A 211 14.80 -12.44 37.95
CA GLU A 211 15.87 -12.40 36.98
C GLU A 211 15.17 -12.00 35.69
N PRO A 212 15.74 -11.03 34.96
CA PRO A 212 15.15 -10.56 33.69
C PRO A 212 14.81 -11.72 32.78
N THR A 213 13.52 -11.99 32.64
CA THR A 213 13.06 -13.08 31.80
C THR A 213 12.07 -12.61 30.76
N LYS A 214 11.90 -13.45 29.73
CA LYS A 214 10.99 -13.18 28.61
C LYS A 214 9.53 -13.40 28.96
N VAL A 215 8.69 -12.43 28.62
CA VAL A 215 7.26 -12.51 28.91
C VAL A 215 6.37 -12.66 27.68
N ALA A 216 6.94 -12.48 26.49
CA ALA A 216 6.18 -12.60 25.25
C ALA A 216 7.11 -12.57 24.02
N GLU A 217 6.63 -13.11 22.91
CA GLU A 217 7.38 -13.15 21.66
C GLU A 217 6.47 -13.35 20.44
N ILE A 218 6.97 -12.97 19.26
CA ILE A 218 6.20 -13.08 18.02
C ILE A 218 7.16 -12.94 16.85
N LYS A 219 6.71 -13.31 15.66
CA LYS A 219 7.51 -13.19 14.44
C LYS A 219 6.66 -12.36 13.50
N ILE A 220 7.10 -11.14 13.19
CA ILE A 220 6.35 -10.24 12.31
C ILE A 220 6.72 -10.23 10.83
N GLY A 221 7.53 -11.19 10.40
CA GLY A 221 7.96 -11.26 9.01
C GLY A 221 9.06 -12.30 8.82
N ILE A 222 9.59 -12.39 7.60
CA ILE A 222 10.66 -13.34 7.33
C ILE A 222 11.99 -12.68 7.63
N GLU A 223 12.04 -11.37 7.45
CA GLU A 223 13.25 -10.60 7.69
C GLU A 223 12.84 -9.24 8.25
N ALA A 224 13.63 -8.69 9.18
CA ALA A 224 13.33 -7.40 9.80
C ALA A 224 14.57 -6.74 10.38
N ARG A 225 14.41 -5.49 10.83
CA ARG A 225 15.54 -4.74 11.41
C ARG A 225 15.13 -3.82 12.56
N SER A 226 13.90 -3.32 12.53
CA SER A 226 13.45 -2.38 13.55
C SER A 226 12.26 -2.74 14.43
N VAL A 227 12.30 -2.17 15.63
CA VAL A 227 11.27 -2.35 16.64
C VAL A 227 11.19 -1.02 17.38
N GLU A 228 10.03 -0.71 17.93
CA GLU A 228 9.85 0.54 18.64
C GLU A 228 8.63 0.51 19.55
N SER A 229 8.62 1.41 20.54
CA SER A 229 7.54 1.52 21.49
C SER A 229 6.88 2.89 21.44
N SER A 230 5.60 2.96 21.83
CA SER A 230 4.87 4.23 21.84
C SER A 230 5.37 5.09 22.99
N LYS A 231 5.76 6.32 22.68
CA LYS A 231 6.31 7.22 23.69
C LYS A 231 5.53 8.52 23.97
N PHE A 232 4.46 8.78 23.24
CA PHE A 232 3.66 9.98 23.47
C PHE A 232 3.03 9.93 24.86
N LYS A 233 3.03 11.06 25.56
CA LYS A 233 2.46 11.15 26.91
C LYS A 233 1.07 10.54 26.96
N GLY A 234 0.88 9.63 27.91
CA GLY A 234 -0.40 8.97 28.08
C GLY A 234 -0.48 7.66 27.33
N TYR A 235 0.62 7.24 26.71
CA TYR A 235 0.65 6.00 25.93
C TYR A 235 1.81 5.08 26.27
N GLU A 236 2.31 5.17 27.50
CA GLU A 236 3.40 4.33 27.94
C GLU A 236 3.03 2.85 27.82
N ASP A 237 3.90 2.07 27.17
CA ASP A 237 3.73 0.63 26.96
C ASP A 237 2.38 0.24 26.29
N ARG A 238 1.82 1.15 25.51
CA ARG A 238 0.54 0.89 24.83
C ARG A 238 0.69 0.02 23.61
N TYR A 239 1.59 0.42 22.72
CA TYR A 239 1.84 -0.31 21.48
C TYR A 239 3.31 -0.46 21.17
N THR A 240 3.60 -1.48 20.38
CA THR A 240 4.94 -1.79 19.91
C THR A 240 4.77 -1.98 18.39
N ILE A 241 5.69 -1.40 17.62
CA ILE A 241 5.64 -1.53 16.17
C ILE A 241 6.97 -2.14 15.73
N ALA A 242 6.95 -2.79 14.57
CA ALA A 242 8.14 -3.41 14.03
C ALA A 242 8.07 -3.37 12.50
N GLY A 243 9.19 -3.08 11.87
CA GLY A 243 9.24 -3.01 10.42
C GLY A 243 9.96 -4.21 9.83
N ALA A 244 9.40 -4.72 8.75
CA ALA A 244 9.94 -5.91 8.09
C ALA A 244 10.55 -5.55 6.73
N TYR A 245 11.56 -6.33 6.36
CA TYR A 245 12.27 -6.18 5.07
C TYR A 245 11.43 -6.94 4.04
N TRP A 246 11.10 -8.16 4.39
CA TRP A 246 10.21 -8.97 3.57
C TRP A 246 9.23 -9.75 4.47
N PRO A 247 7.91 -9.61 4.20
CA PRO A 247 7.38 -8.81 3.10
C PRO A 247 7.50 -7.32 3.41
N PRO A 248 7.31 -6.44 2.41
CA PRO A 248 7.42 -5.02 2.72
C PRO A 248 6.20 -4.68 3.58
N GLN A 249 6.41 -4.51 4.89
CA GLN A 249 5.31 -4.23 5.81
C GLN A 249 5.77 -3.90 7.23
N PHE A 250 4.83 -3.45 8.06
CA PHE A 250 5.09 -3.15 9.47
C PHE A 250 3.90 -3.60 10.28
N ALA A 251 4.13 -4.02 11.51
CA ALA A 251 3.04 -4.48 12.35
C ALA A 251 2.94 -3.71 13.64
N ILE A 252 1.70 -3.45 14.06
CA ILE A 252 1.43 -2.77 15.31
C ILE A 252 0.84 -3.81 16.24
N MET A 253 1.40 -3.92 17.43
CA MET A 253 0.97 -4.91 18.41
C MET A 253 0.71 -4.27 19.74
N ASP A 254 0.05 -5.03 20.61
CA ASP A 254 -0.23 -4.59 21.96
C ASP A 254 1.14 -4.48 22.65
N GLY A 255 1.36 -3.36 23.34
CA GLY A 255 2.64 -3.17 24.00
C GLY A 255 2.80 -3.86 25.33
N GLU A 256 1.83 -4.70 25.70
CA GLU A 256 1.86 -5.41 26.97
C GLU A 256 2.00 -6.92 26.73
N THR A 257 1.34 -7.41 25.67
CA THR A 257 1.37 -8.85 25.36
C THR A 257 1.88 -9.17 23.95
N LEU A 258 2.16 -8.12 23.17
CA LEU A 258 2.64 -8.27 21.80
C LEU A 258 1.60 -8.92 20.88
N GLU A 259 0.33 -8.75 21.23
CA GLU A 259 -0.74 -9.32 20.42
C GLU A 259 -0.81 -8.50 19.13
N PRO A 260 -0.75 -9.17 17.97
CA PRO A 260 -0.82 -8.46 16.69
C PRO A 260 -2.19 -7.81 16.54
N LYS A 261 -2.20 -6.56 16.08
CA LYS A 261 -3.45 -5.84 15.92
C LYS A 261 -3.65 -5.42 14.48
N GLN A 262 -2.67 -4.69 13.94
CA GLN A 262 -2.73 -4.20 12.56
C GLN A 262 -1.46 -4.55 11.81
N ILE A 263 -1.62 -4.85 10.53
CA ILE A 263 -0.51 -5.18 9.63
C ILE A 263 -0.72 -4.28 8.42
N VAL A 264 0.29 -3.52 8.04
CA VAL A 264 0.18 -2.60 6.91
C VAL A 264 1.30 -2.83 5.89
N SER A 265 0.89 -2.99 4.63
CA SER A 265 1.81 -3.19 3.52
C SER A 265 2.45 -1.86 3.13
N THR A 266 3.74 -1.90 2.75
CA THR A 266 4.45 -0.69 2.34
C THR A 266 4.75 -0.67 0.83
N ARG A 267 4.15 -1.60 0.11
CA ARG A 267 4.31 -1.68 -1.33
C ARG A 267 3.65 -0.45 -1.93
N GLY A 268 4.41 0.32 -2.70
CA GLY A 268 3.82 1.52 -3.27
C GLY A 268 4.64 2.23 -4.31
N MET A 269 4.25 3.48 -4.57
CA MET A 269 4.88 4.34 -5.54
C MET A 269 6.09 5.05 -4.94
N THR A 270 7.13 5.20 -5.75
CA THR A 270 8.35 5.87 -5.31
C THR A 270 8.11 7.39 -5.27
N VAL A 271 9.04 8.08 -4.62
CA VAL A 271 8.95 9.53 -4.48
C VAL A 271 9.62 10.20 -5.69
N ASP A 272 10.72 9.59 -6.18
CA ASP A 272 11.44 10.14 -7.32
C ASP A 272 10.74 10.02 -8.67
N THR A 273 10.61 8.80 -9.19
CA THR A 273 9.98 8.57 -10.49
C THR A 273 8.47 8.38 -10.40
N GLN A 274 7.98 8.11 -9.19
CA GLN A 274 6.56 7.88 -8.96
C GLN A 274 6.02 6.68 -9.73
N THR A 275 6.81 5.61 -9.76
CA THR A 275 6.39 4.38 -10.41
C THR A 275 6.22 3.35 -9.29
N TYR A 276 5.69 2.17 -9.62
CA TYR A 276 5.45 1.13 -8.62
C TYR A 276 6.69 0.34 -8.20
N HIS A 277 6.88 0.20 -6.89
CA HIS A 277 8.01 -0.58 -6.39
C HIS A 277 7.44 -1.76 -5.60
N PRO A 278 7.89 -2.98 -5.92
CA PRO A 278 7.41 -4.20 -5.25
C PRO A 278 8.07 -4.58 -3.94
N GLU A 279 9.14 -3.90 -3.53
CA GLU A 279 9.86 -4.27 -2.32
C GLU A 279 10.38 -3.12 -1.46
N PRO A 280 9.50 -2.24 -0.98
CA PRO A 280 9.98 -1.13 -0.16
C PRO A 280 10.16 -1.59 1.30
N ARG A 281 11.38 -1.98 1.61
CA ARG A 281 11.76 -2.45 2.94
C ARG A 281 11.63 -1.35 3.97
N VAL A 282 11.05 -1.70 5.10
CA VAL A 282 10.90 -0.75 6.19
C VAL A 282 12.21 -0.73 6.95
N ALA A 283 12.66 0.47 7.28
CA ALA A 283 13.92 0.65 7.99
C ALA A 283 13.69 1.25 9.38
N ALA A 284 14.36 2.36 9.69
CA ALA A 284 14.23 2.99 10.99
C ALA A 284 12.81 3.35 11.39
N ILE A 285 12.56 3.33 12.69
CA ILE A 285 11.26 3.69 13.26
C ILE A 285 11.56 4.45 14.56
N ILE A 286 10.89 5.59 14.74
CA ILE A 286 11.10 6.40 15.93
C ILE A 286 9.74 6.84 16.44
N ALA A 287 9.52 6.74 17.74
CA ALA A 287 8.25 7.14 18.32
C ALA A 287 8.21 8.66 18.48
N SER A 288 7.12 9.28 18.04
CA SER A 288 6.95 10.73 18.13
C SER A 288 6.55 11.20 19.53
N HIS A 289 7.12 12.32 19.95
CA HIS A 289 6.83 12.92 21.27
C HIS A 289 5.85 14.08 21.13
N GLU A 290 5.56 14.45 19.88
CA GLU A 290 4.66 15.56 19.59
C GLU A 290 3.21 15.16 19.31
N HIS A 291 3.01 13.96 18.81
CA HIS A 291 1.67 13.44 18.49
C HIS A 291 1.69 11.94 18.73
N PRO A 292 0.50 11.31 18.85
CA PRO A 292 0.43 9.86 19.10
C PRO A 292 0.74 9.07 17.83
N GLU A 293 1.97 9.13 17.35
CA GLU A 293 2.33 8.41 16.12
C GLU A 293 3.71 7.79 16.17
N PHE A 294 3.92 6.87 15.24
CA PHE A 294 5.19 6.21 15.05
C PHE A 294 5.66 6.84 13.73
N ILE A 295 6.97 7.07 13.59
CA ILE A 295 7.50 7.64 12.37
C ILE A 295 8.29 6.53 11.67
N VAL A 296 7.68 5.97 10.63
CA VAL A 296 8.26 4.87 9.87
C VAL A 296 8.98 5.27 8.59
N ASN A 297 10.14 4.69 8.36
CA ASN A 297 10.96 4.96 7.17
C ASN A 297 10.85 3.83 6.15
N VAL A 298 10.30 4.16 4.99
CA VAL A 298 10.20 3.20 3.86
C VAL A 298 11.34 3.53 2.90
N LYS A 299 12.27 2.62 2.85
CA LYS A 299 13.54 2.75 2.10
C LYS A 299 13.45 3.03 0.56
N GLU A 300 13.22 1.99 -0.23
CA GLU A 300 13.23 2.11 -1.74
C GLU A 300 12.27 3.15 -2.33
N THR A 301 11.23 3.50 -1.60
CA THR A 301 10.26 4.51 -2.11
C THR A 301 10.55 5.89 -1.52
N GLY A 302 11.36 5.93 -0.46
CA GLY A 302 11.77 7.18 0.17
C GLY A 302 10.61 7.98 0.73
N LYS A 303 9.81 7.32 1.56
CA LYS A 303 8.64 7.91 2.17
C LYS A 303 8.75 7.75 3.67
N VAL A 304 8.44 8.82 4.40
CA VAL A 304 8.41 8.77 5.86
C VAL A 304 6.93 8.86 6.19
N LEU A 305 6.41 7.80 6.80
CA LEU A 305 5.00 7.69 7.16
C LEU A 305 4.80 7.96 8.64
N LEU A 306 3.76 8.74 8.96
CA LEU A 306 3.43 9.05 10.35
C LEU A 306 2.21 8.21 10.67
N VAL A 307 2.44 7.07 11.30
CA VAL A 307 1.35 6.14 11.64
C VAL A 307 0.70 6.49 12.96
N ASN A 308 -0.51 7.03 12.89
CA ASN A 308 -1.22 7.45 14.08
C ASN A 308 -1.97 6.34 14.81
N TYR A 309 -1.58 6.09 16.06
CA TYR A 309 -2.24 5.06 16.85
C TYR A 309 -3.33 5.54 17.82
N LYS A 310 -3.83 6.77 17.63
CA LYS A 310 -4.89 7.30 18.50
C LYS A 310 -6.13 6.41 18.37
N ASP A 311 -6.35 5.89 17.17
CA ASP A 311 -7.46 4.99 16.89
C ASP A 311 -6.85 3.87 16.04
N ILE A 312 -6.36 2.85 16.73
CA ILE A 312 -5.72 1.69 16.11
C ILE A 312 -6.62 0.84 15.19
N ASP A 313 -7.93 1.11 15.20
CA ASP A 313 -8.88 0.37 14.37
C ASP A 313 -9.01 0.99 12.97
N ASN A 314 -9.01 2.32 12.92
CA ASN A 314 -9.09 3.07 11.66
C ASN A 314 -7.78 3.85 11.65
N LEU A 315 -6.79 3.28 10.99
CA LEU A 315 -5.45 3.83 10.91
C LEU A 315 -5.28 5.02 9.98
N THR A 316 -4.83 6.15 10.53
CA THR A 316 -4.57 7.34 9.73
C THR A 316 -3.07 7.44 9.53
N VAL A 317 -2.65 7.48 8.26
CA VAL A 317 -1.24 7.54 7.91
C VAL A 317 -0.93 8.71 6.99
N THR A 318 0.09 9.49 7.34
CA THR A 318 0.50 10.63 6.52
C THR A 318 1.82 10.32 5.82
N SER A 319 1.73 10.25 4.49
CA SER A 319 2.86 9.93 3.63
C SER A 319 3.68 11.15 3.22
N ILE A 320 4.87 11.27 3.77
CA ILE A 320 5.75 12.39 3.46
C ILE A 320 6.87 11.94 2.53
N GLY A 321 7.04 12.61 1.40
CA GLY A 321 8.11 12.25 0.51
C GLY A 321 9.40 12.82 1.09
N ALA A 322 10.46 12.02 1.12
CA ALA A 322 11.74 12.46 1.63
C ALA A 322 12.74 12.30 0.49
N ALA A 323 13.44 11.18 0.47
CA ALA A 323 14.42 10.90 -0.57
C ALA A 323 14.69 9.40 -0.55
N PRO A 324 14.95 8.80 -1.71
CA PRO A 324 15.21 7.37 -1.81
C PRO A 324 16.31 6.80 -0.93
N PHE A 325 16.08 5.58 -0.46
CA PHE A 325 17.02 4.81 0.37
C PHE A 325 17.20 5.26 1.80
N LEU A 326 16.09 5.64 2.41
CA LEU A 326 16.06 6.06 3.82
C LEU A 326 16.53 4.87 4.64
N HIS A 327 17.30 5.12 5.69
CA HIS A 327 17.80 4.04 6.50
C HIS A 327 17.68 4.34 7.99
N ASP A 328 18.75 4.84 8.57
CA ASP A 328 18.80 5.16 9.99
C ASP A 328 18.76 6.64 10.28
N GLY A 329 18.64 6.98 11.57
CA GLY A 329 18.58 8.37 11.97
C GLY A 329 18.09 8.52 13.39
N GLY A 330 18.16 9.75 13.91
CA GLY A 330 17.72 10.01 15.27
C GLY A 330 17.24 11.43 15.49
N TRP A 331 16.80 11.70 16.72
CA TRP A 331 16.29 13.01 17.09
C TRP A 331 17.40 14.03 17.23
N ASP A 332 17.04 15.31 17.08
CA ASP A 332 17.99 16.38 17.29
C ASP A 332 17.95 16.52 18.81
N SER A 333 18.65 17.50 19.38
CA SER A 333 18.66 17.65 20.83
C SER A 333 17.28 17.88 21.43
N SER A 334 16.44 18.64 20.72
CA SER A 334 15.09 18.98 21.21
C SER A 334 14.06 17.89 21.04
N HIS A 335 14.42 16.83 20.32
CA HIS A 335 13.52 15.70 20.08
C HIS A 335 12.27 16.11 19.30
N ARG A 336 12.47 16.91 18.26
CA ARG A 336 11.33 17.38 17.49
C ARG A 336 11.53 17.13 15.99
N TYR A 337 12.79 17.14 15.59
CA TYR A 337 13.13 16.89 14.20
C TYR A 337 13.84 15.54 14.10
N PHE A 338 13.40 14.79 13.15
CA PHE A 338 13.94 13.46 12.90
C PHE A 338 14.99 13.56 11.80
N MET A 339 16.23 13.44 12.22
CA MET A 339 17.38 13.47 11.32
C MET A 339 17.66 12.05 10.84
N THR A 340 17.32 11.81 9.60
CA THR A 340 17.49 10.48 8.98
C THR A 340 18.22 10.58 7.64
N ALA A 341 19.10 9.64 7.45
CA ALA A 341 19.94 9.59 6.24
C ALA A 341 19.40 8.64 5.16
N ALA A 342 19.32 9.24 3.98
CA ALA A 342 18.95 8.55 2.75
C ALA A 342 20.31 8.29 2.11
N ASN A 343 20.99 7.34 2.74
CA ASN A 343 22.40 6.96 2.44
C ASN A 343 22.78 6.87 0.94
N ASN A 344 22.05 6.17 0.10
CA ASN A 344 22.46 6.05 -1.32
C ASN A 344 22.13 7.31 -2.14
N SER A 345 21.49 8.26 -1.49
CA SER A 345 21.11 9.53 -2.11
C SER A 345 22.03 10.66 -1.64
N ASN A 346 22.90 10.29 -0.67
CA ASN A 346 23.87 11.21 -0.10
C ASN A 346 23.24 12.42 0.56
N LYS A 347 22.01 12.25 1.03
CA LYS A 347 21.27 13.34 1.68
C LYS A 347 20.76 12.91 3.05
N VAL A 348 20.43 13.91 3.86
CA VAL A 348 19.89 13.69 5.19
C VAL A 348 18.55 14.43 5.26
N ALA A 349 17.48 13.65 5.33
CA ALA A 349 16.13 14.19 5.42
C ALA A 349 15.84 14.65 6.84
N VAL A 350 15.24 15.82 6.98
CA VAL A 350 14.88 16.34 8.28
C VAL A 350 13.37 16.30 8.35
N ILE A 351 12.82 15.53 9.29
CA ILE A 351 11.38 15.46 9.42
C ILE A 351 10.87 16.14 10.69
N ASP A 352 10.12 17.21 10.50
CA ASP A 352 9.53 17.95 11.60
C ASP A 352 8.35 17.11 12.14
N SER A 353 8.50 16.58 13.35
CA SER A 353 7.46 15.76 13.96
C SER A 353 6.30 16.55 14.58
N LYS A 354 6.54 17.83 14.88
CA LYS A 354 5.52 18.70 15.45
C LYS A 354 4.59 19.19 14.35
N ASP A 355 5.16 19.86 13.35
CA ASP A 355 4.38 20.38 12.22
C ASP A 355 4.13 19.31 11.17
N ARG A 356 4.59 18.09 11.45
CA ARG A 356 4.39 16.93 10.58
C ARG A 356 4.67 17.22 9.11
N ARG A 357 5.93 17.58 8.82
CA ARG A 357 6.36 17.92 7.45
C ARG A 357 7.86 17.71 7.20
N LEU A 358 8.24 17.77 5.93
CA LEU A 358 9.64 17.65 5.55
C LEU A 358 10.26 19.06 5.64
N SER A 359 11.15 19.24 6.61
CA SER A 359 11.81 20.52 6.82
C SER A 359 12.89 20.83 5.81
N ALA A 360 13.59 19.81 5.30
CA ALA A 360 14.66 19.99 4.30
C ALA A 360 15.38 18.69 3.91
N LEU A 361 16.22 18.81 2.88
CA LEU A 361 17.04 17.68 2.41
C LEU A 361 18.43 18.27 2.31
N VAL A 362 19.32 17.85 3.20
CA VAL A 362 20.69 18.35 3.26
C VAL A 362 21.71 17.48 2.52
N ASP A 363 22.48 18.07 1.60
CA ASP A 363 23.51 17.32 0.88
C ASP A 363 24.69 17.10 1.82
N VAL A 364 25.08 15.84 1.99
CA VAL A 364 26.20 15.47 2.85
C VAL A 364 27.21 14.68 2.03
N GLY A 365 27.98 13.81 2.68
CA GLY A 365 28.97 13.03 1.97
C GLY A 365 28.46 11.73 1.39
N LYS A 366 29.39 10.89 0.92
CA LYS A 366 29.06 9.59 0.32
C LYS A 366 28.59 8.57 1.34
N THR A 367 27.40 8.12 1.18
CA THR A 367 26.64 7.13 1.96
C THR A 367 26.63 7.48 3.45
N PRO A 368 25.86 8.49 3.90
CA PRO A 368 25.83 8.85 5.31
C PRO A 368 25.32 7.71 6.11
N HIS A 369 25.92 7.43 7.27
CA HIS A 369 25.47 6.38 8.21
C HIS A 369 25.58 6.91 9.64
N PRO A 370 24.74 7.87 9.99
CA PRO A 370 24.74 8.48 11.32
C PRO A 370 24.39 7.55 12.47
N GLY A 371 23.63 6.52 12.18
CA GLY A 371 23.15 5.63 13.23
C GLY A 371 21.97 6.39 13.83
N ARG A 372 22.17 6.90 15.04
CA ARG A 372 21.13 7.75 15.64
C ARG A 372 21.63 9.20 15.68
N GLY A 373 22.90 9.33 15.32
CA GLY A 373 23.59 10.63 15.24
C GLY A 373 24.27 11.00 16.57
N ALA A 374 24.83 12.22 16.52
CA ALA A 374 25.57 12.87 17.64
C ALA A 374 25.19 14.37 17.71
N ASN A 375 24.59 14.73 18.83
CA ASN A 375 24.14 16.10 19.09
C ASN A 375 25.01 16.82 20.12
N PHE A 376 25.37 18.04 19.77
CA PHE A 376 26.17 18.90 20.66
C PHE A 376 26.09 20.35 20.17
N VAL A 377 26.39 21.25 21.08
CA VAL A 377 26.36 22.70 20.76
C VAL A 377 27.73 23.14 20.28
N HIS A 378 27.76 23.58 19.02
CA HIS A 378 28.98 24.04 18.38
C HIS A 378 29.21 25.46 18.92
N PRO A 379 30.46 25.81 19.28
CA PRO A 379 30.76 27.14 19.81
C PRO A 379 30.37 28.31 18.88
N LYS A 380 30.45 28.09 17.57
CA LYS A 380 30.11 29.10 16.58
C LYS A 380 28.75 28.92 15.90
N TYR A 381 28.53 27.71 15.38
CA TYR A 381 27.32 27.38 14.65
C TYR A 381 26.08 27.03 15.47
N GLY A 382 26.22 26.99 16.79
CA GLY A 382 25.09 26.68 17.65
C GLY A 382 24.80 25.19 17.70
N PRO A 383 23.59 24.78 18.13
CA PRO A 383 23.20 23.36 18.21
C PRO A 383 23.25 22.63 16.87
N VAL A 384 24.06 21.56 16.81
CA VAL A 384 24.21 20.77 15.60
C VAL A 384 23.96 19.28 15.83
N TRP A 385 23.80 18.56 14.72
CA TRP A 385 23.59 17.10 14.73
C TRP A 385 24.57 16.62 13.67
N SER A 386 25.33 15.57 14.01
CA SER A 386 26.34 15.05 13.11
C SER A 386 26.20 13.60 12.69
N THR A 387 26.88 13.28 11.60
CA THR A 387 26.87 11.93 11.06
C THR A 387 28.20 11.71 10.33
N SER A 388 28.66 10.46 10.36
CA SER A 388 29.87 10.08 9.66
C SER A 388 29.42 9.34 8.41
N HIS A 389 30.34 8.92 7.56
CA HIS A 389 29.93 8.24 6.31
C HIS A 389 30.67 6.93 6.08
N LEU A 390 30.03 6.12 5.27
CA LEU A 390 30.60 4.84 4.91
C LEU A 390 31.44 5.01 3.63
N GLY A 391 31.01 5.95 2.77
CA GLY A 391 31.73 6.20 1.52
C GLY A 391 32.96 7.10 1.57
N ASP A 392 33.16 7.78 2.67
CA ASP A 392 34.29 8.65 2.82
C ASP A 392 34.57 8.89 4.30
N GLY A 393 35.67 9.58 4.62
CA GLY A 393 36.03 9.83 6.02
C GLY A 393 35.59 11.16 6.58
N SER A 394 34.67 11.84 5.91
CA SER A 394 34.18 13.14 6.35
C SER A 394 33.07 12.99 7.36
N ILE A 395 32.90 14.01 8.17
CA ILE A 395 31.87 14.05 9.21
C ILE A 395 31.10 15.35 9.06
N SER A 396 29.82 15.25 8.73
CA SER A 396 28.96 16.42 8.56
C SER A 396 28.30 16.94 9.84
N LEU A 397 28.43 18.25 10.09
CA LEU A 397 27.80 18.90 11.24
C LEU A 397 26.65 19.71 10.66
N ILE A 398 25.43 19.46 11.10
CA ILE A 398 24.24 20.14 10.59
C ILE A 398 23.49 21.00 11.61
N GLY A 399 23.08 22.21 11.20
CA GLY A 399 22.36 23.12 12.08
C GLY A 399 20.96 22.63 12.39
N THR A 400 20.63 22.51 13.67
CA THR A 400 19.31 22.03 14.07
C THR A 400 18.54 22.97 14.99
N ASP A 401 18.76 24.26 14.86
CA ASP A 401 18.08 25.24 15.68
C ASP A 401 17.56 26.40 14.82
N PRO A 402 16.29 26.30 14.35
CA PRO A 402 15.64 27.31 13.52
C PRO A 402 15.29 28.59 14.29
N LYS A 403 15.04 28.46 15.58
CA LYS A 403 14.68 29.60 16.41
C LYS A 403 15.84 30.58 16.62
N ASN A 404 16.91 30.13 17.27
CA ASN A 404 18.05 31.00 17.55
C ASN A 404 19.19 31.04 16.53
N HIS A 405 19.20 30.09 15.60
CA HIS A 405 20.20 30.05 14.55
C HIS A 405 19.55 29.69 13.23
N PRO A 406 18.63 30.52 12.75
CA PRO A 406 17.92 30.28 11.47
C PRO A 406 18.83 30.27 10.24
N GLN A 407 19.90 31.06 10.30
CA GLN A 407 20.81 31.18 9.15
C GLN A 407 21.62 29.87 8.94
N TYR A 408 21.63 29.02 9.97
CA TYR A 408 22.39 27.74 9.89
C TYR A 408 21.46 26.51 9.83
N ALA A 409 20.21 26.71 10.20
CA ALA A 409 19.21 25.63 10.22
C ALA A 409 19.18 24.86 8.87
N TRP A 410 19.30 23.54 9.03
CA TRP A 410 19.27 22.52 7.95
C TRP A 410 20.39 22.73 6.90
N LYS A 411 21.53 23.17 7.36
CA LYS A 411 22.69 23.38 6.48
C LYS A 411 23.91 22.59 6.97
N LYS A 412 24.72 22.13 6.01
CA LYS A 412 25.98 21.46 6.34
C LYS A 412 26.90 22.61 6.68
N VAL A 413 26.81 22.97 7.93
CA VAL A 413 27.50 24.11 8.52
C VAL A 413 29.02 23.92 8.61
N ALA A 414 29.53 22.75 8.87
CA ALA A 414 30.96 22.48 8.95
C ALA A 414 31.22 21.01 8.68
N GLU A 415 32.48 20.67 8.53
CA GLU A 415 32.87 19.29 8.25
C GLU A 415 34.11 18.93 9.09
N LEU A 416 34.16 17.67 9.53
CA LEU A 416 35.30 17.15 10.32
C LEU A 416 35.90 16.01 9.50
N GLN A 417 37.13 15.61 9.80
CA GLN A 417 37.73 14.52 9.03
C GLN A 417 38.26 13.39 9.90
N GLY A 418 37.70 12.19 9.70
CA GLY A 418 38.11 11.02 10.44
C GLY A 418 39.20 10.22 9.74
N GLN A 419 39.43 9.00 10.21
CA GLN A 419 40.46 8.13 9.66
C GLN A 419 40.17 7.74 8.23
N GLY A 420 38.89 7.58 7.91
CA GLY A 420 38.52 7.21 6.55
C GLY A 420 37.11 6.69 6.44
N GLY A 421 36.76 6.18 5.26
CA GLY A 421 35.44 5.62 5.02
C GLY A 421 35.23 4.34 5.79
N GLY A 422 34.03 3.78 5.66
CA GLY A 422 33.70 2.53 6.35
C GLY A 422 33.20 2.82 7.75
N SER A 423 32.82 4.07 8.00
CA SER A 423 32.34 4.47 9.31
C SER A 423 30.87 4.14 9.48
N LEU A 424 30.50 3.77 10.69
CA LEU A 424 29.13 3.36 10.99
C LEU A 424 28.42 4.13 12.11
N PHE A 425 29.14 4.52 13.15
CA PHE A 425 28.53 5.25 14.28
C PHE A 425 29.38 6.39 14.83
N ILE A 426 28.74 7.51 15.14
CA ILE A 426 29.39 8.67 15.73
C ILE A 426 28.68 8.85 17.09
N LYS A 427 29.43 9.14 18.15
CA LYS A 427 28.80 9.23 19.47
C LYS A 427 29.27 10.40 20.31
N THR A 428 28.41 10.79 21.26
CA THR A 428 28.66 11.85 22.23
C THR A 428 27.59 11.79 23.35
N HIS A 429 27.73 12.62 24.38
CA HIS A 429 26.81 12.63 25.51
C HIS A 429 26.81 14.03 26.11
N PRO A 430 25.66 14.48 26.64
CA PRO A 430 25.55 15.82 27.24
C PRO A 430 26.72 16.16 28.18
N LYS A 431 26.98 15.29 29.15
CA LYS A 431 28.05 15.48 30.15
C LYS A 431 29.45 15.40 29.56
N SER A 432 29.57 14.78 28.39
CA SER A 432 30.85 14.57 27.72
C SER A 432 31.30 15.67 26.77
N SER A 433 32.60 15.88 26.69
CA SER A 433 33.17 16.88 25.78
C SER A 433 33.93 16.21 24.65
N HIS A 434 33.69 14.92 24.44
CA HIS A 434 34.33 14.14 23.36
C HIS A 434 33.35 13.64 22.32
N LEU A 435 33.87 13.38 21.11
CA LEU A 435 33.07 12.90 19.99
C LEU A 435 33.80 11.70 19.41
N TYR A 436 33.18 10.53 19.47
CA TYR A 436 33.80 9.30 18.96
C TYR A 436 33.21 8.84 17.66
N VAL A 437 34.04 8.26 16.80
CA VAL A 437 33.56 7.70 15.54
C VAL A 437 34.37 6.43 15.22
N ASP A 438 33.65 5.35 14.93
CA ASP A 438 34.28 4.09 14.59
C ASP A 438 34.46 4.00 13.07
N THR A 439 35.19 2.99 12.62
CA THR A 439 35.44 2.76 11.20
C THR A 439 35.44 1.25 10.95
N THR A 440 34.38 0.60 11.45
CA THR A 440 34.17 -0.83 11.37
C THR A 440 34.49 -1.57 10.07
N PHE A 441 34.03 -1.03 8.95
CA PHE A 441 34.26 -1.71 7.68
C PHE A 441 35.36 -1.09 6.82
N ASN A 442 36.23 -0.29 7.42
CA ASN A 442 37.31 0.28 6.64
C ASN A 442 38.21 -0.89 6.27
N PRO A 443 38.56 -1.02 4.97
CA PRO A 443 39.41 -2.11 4.45
C PRO A 443 40.79 -2.29 5.09
N ASP A 444 41.22 -1.32 5.91
CA ASP A 444 42.51 -1.44 6.59
C ASP A 444 42.21 -2.02 7.97
N ALA A 445 43.12 -2.86 8.45
CA ALA A 445 42.95 -3.50 9.75
C ALA A 445 43.21 -2.56 10.92
N ARG A 446 44.29 -1.79 10.84
CA ARG A 446 44.62 -0.86 11.92
C ARG A 446 43.50 0.16 12.13
N ILE A 447 42.94 0.65 11.03
CA ILE A 447 41.86 1.64 11.07
C ILE A 447 40.52 1.04 11.56
N SER A 448 40.18 -0.15 11.06
CA SER A 448 38.95 -0.83 11.47
C SER A 448 39.00 -1.34 12.91
N GLN A 449 40.20 -1.44 13.47
CA GLN A 449 40.38 -1.90 14.86
C GLN A 449 40.51 -0.75 15.85
N SER A 450 40.32 0.48 15.38
CA SER A 450 40.43 1.66 16.23
C SER A 450 39.32 2.65 15.93
N VAL A 451 39.19 3.63 16.83
CA VAL A 451 38.20 4.69 16.71
C VAL A 451 38.91 6.05 16.78
N ALA A 452 38.24 7.09 16.31
CA ALA A 452 38.79 8.45 16.34
C ALA A 452 38.00 9.21 17.38
N VAL A 453 38.67 10.12 18.07
CA VAL A 453 38.04 10.93 19.11
C VAL A 453 38.39 12.38 18.85
N PHE A 454 37.37 13.25 18.89
CA PHE A 454 37.57 14.67 18.65
C PHE A 454 37.30 15.45 19.93
N ASP A 455 37.92 16.63 20.01
CA ASP A 455 37.76 17.50 21.15
C ASP A 455 36.72 18.53 20.76
N LEU A 456 35.59 18.54 21.47
CA LEU A 456 34.53 19.49 21.17
C LEU A 456 34.83 20.88 21.75
N LYS A 457 35.88 20.95 22.58
CA LYS A 457 36.27 22.22 23.18
C LYS A 457 37.37 22.86 22.33
N ASN A 458 37.71 22.17 21.23
CA ASN A 458 38.72 22.61 20.28
C ASN A 458 38.66 21.76 19.00
N LEU A 459 37.59 21.93 18.24
CA LEU A 459 37.35 21.19 17.00
C LEU A 459 38.34 21.44 15.85
N ASP A 460 39.21 22.44 16.00
CA ASP A 460 40.21 22.73 14.96
C ASP A 460 41.30 21.67 14.94
N ALA A 461 41.61 21.13 16.14
CA ALA A 461 42.63 20.10 16.28
C ALA A 461 42.17 18.75 15.76
N LYS A 462 43.12 17.97 15.27
CA LYS A 462 42.86 16.63 14.73
C LYS A 462 42.39 15.66 15.82
N TYR A 463 41.90 14.51 15.38
CA TYR A 463 41.42 13.47 16.28
C TYR A 463 42.57 12.64 16.84
N GLN A 464 42.37 12.09 18.02
CA GLN A 464 43.34 11.20 18.63
C GLN A 464 42.83 9.79 18.27
N VAL A 465 43.74 8.83 18.18
CA VAL A 465 43.35 7.47 17.86
C VAL A 465 43.43 6.57 19.09
N LEU A 466 42.32 5.88 19.37
CA LEU A 466 42.25 4.95 20.48
C LEU A 466 42.29 3.54 19.90
N PRO A 467 43.37 2.79 20.19
CA PRO A 467 43.60 1.42 19.74
C PRO A 467 42.78 0.43 20.58
N ILE A 468 41.46 0.51 20.39
CA ILE A 468 40.49 -0.31 21.10
C ILE A 468 40.79 -1.80 20.97
N ALA A 469 40.97 -2.29 19.75
CA ALA A 469 41.23 -3.71 19.54
C ALA A 469 42.50 -4.18 20.24
N GLU A 470 43.58 -3.41 20.11
CA GLU A 470 44.87 -3.73 20.72
C GLU A 470 44.75 -3.77 22.24
N TRP A 471 43.91 -2.88 22.78
CA TRP A 471 43.71 -2.80 24.23
C TRP A 471 43.01 -4.04 24.77
N ALA A 472 42.19 -4.65 23.92
CA ALA A 472 41.44 -5.83 24.29
C ALA A 472 42.31 -7.09 24.45
N ASP A 473 43.50 -7.10 23.85
CA ASP A 473 44.42 -8.24 23.98
C ASP A 473 43.74 -9.57 23.63
N LEU A 474 43.27 -9.68 22.39
CA LEU A 474 42.54 -10.86 21.92
C LEU A 474 43.24 -11.86 21.04
N GLY A 475 44.27 -11.41 20.32
CA GLY A 475 44.98 -12.34 19.45
C GLY A 475 44.52 -12.27 18.01
N GLU A 476 44.40 -13.42 17.36
CA GLU A 476 43.99 -13.45 15.96
C GLU A 476 42.53 -13.08 15.68
N GLY A 477 42.28 -12.68 14.44
CA GLY A 477 40.94 -12.28 14.02
C GLY A 477 40.89 -10.85 13.51
N ALA A 478 39.84 -10.52 12.75
CA ALA A 478 39.68 -9.19 12.20
C ALA A 478 39.54 -8.14 13.30
N LYS A 479 38.85 -8.51 14.38
CA LYS A 479 38.63 -7.63 15.52
C LYS A 479 38.10 -6.24 15.16
N ARG A 480 37.01 -6.21 14.39
CA ARG A 480 36.37 -4.97 13.97
C ARG A 480 35.68 -4.29 15.14
N VAL A 481 36.07 -3.03 15.44
CA VAL A 481 35.42 -2.30 16.54
C VAL A 481 34.18 -1.58 16.00
N VAL A 482 33.15 -1.49 16.84
CA VAL A 482 31.91 -0.87 16.39
C VAL A 482 31.04 -0.26 17.56
N GLN A 483 30.29 0.74 17.11
CA GLN A 483 29.28 1.52 17.88
C GLN A 483 29.67 1.98 19.31
N PRO A 484 30.26 3.18 19.47
CA PRO A 484 30.53 3.72 20.81
C PRO A 484 29.17 3.96 21.52
N GLU A 485 29.13 3.69 22.81
CA GLU A 485 27.90 3.85 23.62
C GLU A 485 28.27 4.18 25.06
N TYR A 486 27.74 5.30 25.53
CA TYR A 486 28.02 5.77 26.87
C TYR A 486 27.16 5.09 27.94
N ASN A 487 27.57 5.26 29.19
CA ASN A 487 26.80 4.73 30.31
C ASN A 487 25.85 5.87 30.73
N LYS A 488 24.96 5.61 31.69
CA LYS A 488 24.00 6.62 32.13
C LYS A 488 24.64 7.91 32.69
N ARG A 489 25.77 7.76 33.38
CA ARG A 489 26.48 8.89 33.99
C ARG A 489 27.19 9.73 32.92
N GLY A 490 27.51 9.07 31.81
CA GLY A 490 28.17 9.73 30.71
C GLY A 490 29.67 9.85 30.87
N ASP A 491 30.24 9.06 31.79
CA ASP A 491 31.69 9.10 32.04
C ASP A 491 32.45 7.89 31.49
N GLU A 492 31.71 6.94 30.92
CA GLU A 492 32.30 5.74 30.33
C GLU A 492 31.76 5.53 28.92
N VAL A 493 32.64 5.25 27.97
CA VAL A 493 32.23 4.95 26.61
C VAL A 493 32.57 3.48 26.37
N TRP A 494 31.63 2.71 25.84
CA TRP A 494 31.86 1.29 25.57
C TRP A 494 31.98 1.05 24.07
N PHE A 495 32.72 0.03 23.74
CA PHE A 495 32.94 -0.39 22.35
C PHE A 495 32.92 -1.90 22.28
N SER A 496 32.52 -2.41 21.15
CA SER A 496 32.48 -3.84 20.93
C SER A 496 33.59 -4.20 19.96
N VAL A 497 34.31 -5.22 20.32
CA VAL A 497 35.35 -5.75 19.43
C VAL A 497 34.71 -7.00 18.87
N TRP A 498 34.16 -6.81 17.71
CA TRP A 498 33.42 -7.82 16.96
C TRP A 498 34.37 -8.78 16.23
N ASN A 499 34.62 -9.91 16.85
CA ASN A 499 35.49 -10.95 16.28
C ASN A 499 34.64 -12.13 15.83
N GLY A 500 35.23 -13.06 15.08
CA GLY A 500 34.49 -14.21 14.60
C GLY A 500 33.91 -15.03 15.75
N LYS A 501 32.89 -15.86 15.45
CA LYS A 501 32.24 -16.69 16.47
C LYS A 501 33.19 -17.74 17.06
N ASN A 502 34.18 -18.15 16.26
CA ASN A 502 35.17 -19.14 16.69
C ASN A 502 36.45 -18.51 17.23
N ASP A 503 36.44 -17.18 17.29
CA ASP A 503 37.57 -16.42 17.82
C ASP A 503 37.08 -15.83 19.13
N SER A 504 37.91 -14.98 19.73
CA SER A 504 37.52 -14.36 20.99
C SER A 504 37.27 -12.87 20.82
N SER A 505 36.18 -12.39 21.45
CA SER A 505 35.81 -10.99 21.39
C SER A 505 35.82 -10.35 22.77
N ALA A 506 35.43 -9.08 22.83
CA ALA A 506 35.39 -8.32 24.09
C ALA A 506 34.67 -6.99 23.95
N LEU A 507 34.31 -6.41 25.09
CA LEU A 507 33.69 -5.11 25.13
C LEU A 507 34.75 -4.27 25.85
N VAL A 508 35.21 -3.20 25.20
CA VAL A 508 36.23 -2.33 25.77
C VAL A 508 35.66 -1.02 26.28
N VAL A 509 35.85 -0.78 27.57
CA VAL A 509 35.37 0.44 28.20
C VAL A 509 36.52 1.45 28.34
N VAL A 510 36.18 2.71 28.08
CA VAL A 510 37.14 3.79 28.14
C VAL A 510 36.66 4.88 29.09
N ASP A 511 37.61 5.44 29.82
CA ASP A 511 37.35 6.52 30.75
C ASP A 511 37.22 7.74 29.85
N ASP A 512 36.01 8.29 29.73
CA ASP A 512 35.80 9.45 28.86
C ASP A 512 36.53 10.69 29.36
N LYS A 513 36.72 10.79 30.66
CA LYS A 513 37.39 11.94 31.24
C LYS A 513 38.88 12.02 30.88
N THR A 514 39.54 10.87 30.83
CA THR A 514 40.97 10.79 30.52
C THR A 514 41.34 10.10 29.21
N LEU A 515 40.37 9.45 28.56
CA LEU A 515 40.61 8.71 27.30
C LEU A 515 41.49 7.48 27.54
N LYS A 516 41.66 7.11 28.81
CA LYS A 516 42.46 5.95 29.19
C LYS A 516 41.59 4.69 29.31
N LEU A 517 42.17 3.55 29.00
CA LEU A 517 41.47 2.27 29.11
C LEU A 517 40.98 2.09 30.54
N LYS A 518 39.68 1.82 30.68
CA LYS A 518 39.10 1.62 32.00
C LYS A 518 38.90 0.14 32.30
N ALA A 519 38.38 -0.61 31.33
CA ALA A 519 38.14 -2.03 31.53
C ALA A 519 37.94 -2.79 30.24
N VAL A 520 37.99 -4.12 30.33
CA VAL A 520 37.81 -5.01 29.19
C VAL A 520 36.98 -6.22 29.62
N VAL A 521 35.80 -6.36 29.03
CA VAL A 521 34.89 -7.46 29.36
C VAL A 521 35.05 -8.67 28.45
N LYS A 522 35.58 -9.75 29.00
CA LYS A 522 35.75 -10.99 28.26
C LYS A 522 34.91 -12.09 28.91
N ASP A 523 34.44 -13.04 28.12
CA ASP A 523 33.61 -14.12 28.62
C ASP A 523 33.39 -15.11 27.48
N PRO A 524 33.45 -16.41 27.77
CA PRO A 524 33.25 -17.44 26.74
C PRO A 524 31.87 -17.35 26.07
N ARG A 525 30.92 -16.71 26.76
CA ARG A 525 29.57 -16.51 26.27
C ARG A 525 29.40 -15.25 25.42
N LEU A 526 30.43 -14.41 25.37
CA LEU A 526 30.40 -13.18 24.59
C LEU A 526 30.82 -13.46 23.14
N ILE A 527 29.90 -14.07 22.40
CA ILE A 527 30.14 -14.43 21.01
C ILE A 527 29.67 -13.37 20.01
N THR A 528 30.63 -12.87 19.23
CA THR A 528 30.39 -11.84 18.21
C THR A 528 29.52 -10.68 18.69
N PRO A 529 29.97 -9.96 19.73
CA PRO A 529 29.20 -8.83 20.28
C PRO A 529 29.12 -7.65 19.32
N THR A 530 27.90 -7.18 19.08
CA THR A 530 27.72 -6.03 18.21
C THR A 530 27.06 -4.86 18.96
N GLY A 531 25.74 -4.74 18.85
CA GLY A 531 25.04 -3.65 19.48
C GLY A 531 24.92 -3.70 21.00
N LYS A 532 25.29 -2.62 21.66
CA LYS A 532 25.20 -2.49 23.11
C LYS A 532 24.25 -1.32 23.26
N PHE A 533 23.23 -1.48 24.09
CA PHE A 533 22.26 -0.42 24.29
C PHE A 533 22.00 -0.20 25.76
N ASN A 534 22.57 0.87 26.29
CA ASN A 534 22.39 1.22 27.69
C ASN A 534 20.90 1.59 27.87
N VAL A 535 20.27 1.04 28.90
CA VAL A 535 18.85 1.27 29.16
C VAL A 535 18.43 2.73 29.22
N TYR A 536 18.99 3.48 30.16
CA TYR A 536 18.64 4.88 30.31
C TYR A 536 18.77 5.68 29.03
N ASN A 537 19.97 5.67 28.44
CA ASN A 537 20.23 6.40 27.20
C ASN A 537 19.32 5.99 26.02
N THR A 538 19.04 4.70 25.88
CA THR A 538 18.17 4.22 24.81
C THR A 538 16.72 4.59 25.10
N GLN A 539 16.33 4.50 26.36
CA GLN A 539 14.98 4.80 26.79
C GLN A 539 14.62 6.26 26.57
N HIS A 540 15.54 7.15 26.95
CA HIS A 540 15.38 8.60 26.85
C HIS A 540 16.06 9.29 25.66
N ASP A 541 16.46 8.51 24.65
CA ASP A 541 17.12 9.05 23.46
C ASP A 541 18.25 10.03 23.76
N VAL A 542 19.19 9.62 24.60
CA VAL A 542 20.31 10.47 24.98
C VAL A 542 21.49 10.28 24.01
N TYR A 543 21.58 11.17 23.04
CA TYR A 543 22.65 11.15 22.04
C TYR A 543 22.65 12.47 21.29
N LYS B 5 34.92 -0.25 -1.04
CA LYS B 5 34.76 -1.69 -0.70
C LYS B 5 34.21 -1.88 0.71
N ALA B 6 34.05 -0.76 1.41
CA ALA B 6 33.51 -0.74 2.75
C ALA B 6 32.02 -1.09 2.64
N ALA B 7 31.36 -0.49 1.64
CA ALA B 7 29.95 -0.72 1.38
C ALA B 7 29.67 -2.17 0.95
N GLU B 8 30.71 -2.82 0.43
CA GLU B 8 30.61 -4.19 -0.05
C GLU B 8 30.58 -5.18 1.12
N GLN B 9 31.49 -5.01 2.07
CA GLN B 9 31.54 -5.89 3.24
C GLN B 9 30.39 -5.53 4.20
N TYR B 10 29.95 -4.28 4.09
CA TYR B 10 28.86 -3.74 4.89
C TYR B 10 27.53 -4.46 4.57
N GLN B 11 27.39 -4.94 3.33
CA GLN B 11 26.18 -5.67 2.96
C GLN B 11 26.51 -7.09 2.53
N GLY B 12 27.52 -7.66 3.20
CA GLY B 12 27.97 -9.01 2.91
C GLY B 12 27.31 -10.16 3.66
N ALA B 13 26.64 -9.85 4.77
CA ALA B 13 25.94 -10.86 5.57
C ALA B 13 24.78 -11.40 4.77
N ALA B 14 24.32 -12.61 5.09
CA ALA B 14 23.24 -13.25 4.34
C ALA B 14 21.82 -12.82 4.70
N SER B 15 20.92 -12.99 3.74
CA SER B 15 19.52 -12.64 3.92
C SER B 15 18.89 -13.62 4.91
N ALA B 16 17.94 -13.13 5.72
CA ALA B 16 17.26 -13.97 6.70
C ALA B 16 16.30 -14.93 6.02
N VAL B 17 16.06 -14.70 4.73
CA VAL B 17 15.18 -15.55 3.93
C VAL B 17 15.78 -16.94 3.75
N ASP B 18 14.95 -17.96 3.95
CA ASP B 18 15.37 -19.35 3.80
C ASP B 18 15.23 -19.74 2.33
N PRO B 19 16.35 -20.08 1.67
CA PRO B 19 16.37 -20.46 0.25
C PRO B 19 15.32 -21.54 -0.04
N ALA B 20 15.16 -22.44 0.88
CA ALA B 20 14.29 -23.60 0.69
C ALA B 20 12.81 -23.19 0.65
N HIS B 21 12.49 -22.03 1.24
CA HIS B 21 11.07 -21.57 1.29
C HIS B 21 10.73 -20.61 0.11
N VAL B 22 11.72 -20.33 -0.72
CA VAL B 22 11.49 -19.53 -1.94
C VAL B 22 11.25 -20.57 -3.03
N VAL B 23 10.10 -20.55 -3.64
CA VAL B 23 9.77 -21.60 -4.62
C VAL B 23 9.66 -21.16 -6.08
N ARG B 24 10.13 -22.09 -6.90
CA ARG B 24 10.11 -22.00 -8.36
C ARG B 24 8.75 -22.52 -8.79
N THR B 25 8.14 -21.82 -9.71
CA THR B 25 6.81 -22.20 -10.21
C THR B 25 6.90 -22.91 -11.56
N ASN B 26 6.37 -24.14 -11.61
CA ASN B 26 6.33 -24.91 -12.88
C ASN B 26 6.17 -26.42 -12.64
N GLY B 27 5.69 -27.04 -13.67
CA GLY B 27 5.40 -28.47 -13.68
C GLY B 27 4.04 -28.59 -14.32
N ALA B 28 3.80 -27.53 -15.06
CA ALA B 28 2.57 -27.33 -15.81
C ALA B 28 2.70 -28.00 -17.16
N PRO B 29 1.58 -28.45 -17.73
CA PRO B 29 1.58 -29.11 -19.03
C PRO B 29 2.16 -28.20 -20.11
N ASP B 30 3.12 -28.75 -20.84
CA ASP B 30 3.81 -28.05 -21.94
C ASP B 30 2.80 -27.49 -22.95
N MET B 31 3.06 -26.26 -23.39
CA MET B 31 2.19 -25.59 -24.39
C MET B 31 2.99 -24.51 -25.14
N SER B 32 2.99 -24.67 -26.46
CA SER B 32 3.70 -23.76 -27.38
C SER B 32 3.19 -22.33 -27.25
N GLU B 33 3.96 -21.43 -27.82
CA GLU B 33 3.68 -19.98 -27.80
C GLU B 33 2.27 -19.70 -28.34
N SER B 34 1.94 -20.35 -29.44
CA SER B 34 0.63 -20.19 -30.11
C SER B 34 -0.52 -20.59 -29.16
N GLU B 35 -0.35 -21.74 -28.55
CA GLU B 35 -1.36 -22.30 -27.62
C GLU B 35 -1.54 -21.41 -26.38
N PHE B 36 -0.42 -20.95 -25.84
CA PHE B 36 -0.41 -20.11 -24.63
C PHE B 36 -1.11 -18.76 -24.84
N ASN B 37 -0.89 -18.15 -25.99
CA ASN B 37 -1.50 -16.83 -26.29
C ASN B 37 -2.97 -17.00 -26.68
N GLU B 38 -3.34 -18.12 -27.29
CA GLU B 38 -4.74 -18.35 -27.63
C GLU B 38 -5.54 -18.39 -26.32
N ALA B 39 -5.03 -19.14 -25.36
CA ALA B 39 -5.65 -19.30 -24.05
C ALA B 39 -5.60 -17.99 -23.24
N LYS B 40 -4.45 -17.32 -23.27
CA LYS B 40 -4.25 -16.06 -22.56
C LYS B 40 -5.25 -15.02 -23.02
N GLN B 41 -5.60 -15.06 -24.31
CA GLN B 41 -6.58 -14.14 -24.90
C GLN B 41 -7.98 -14.46 -24.36
N ILE B 42 -8.32 -15.73 -24.38
CA ILE B 42 -9.60 -16.21 -23.89
C ILE B 42 -9.76 -15.88 -22.42
N TYR B 43 -8.67 -15.98 -21.69
CA TYR B 43 -8.73 -15.72 -20.27
C TYR B 43 -9.17 -14.28 -19.95
N PHE B 44 -8.65 -13.31 -20.68
CA PHE B 44 -9.00 -11.90 -20.41
C PHE B 44 -10.31 -11.51 -21.10
N GLN B 45 -10.71 -12.30 -22.07
CA GLN B 45 -11.97 -12.06 -22.79
C GLN B 45 -13.16 -12.60 -22.00
N ARG B 46 -12.96 -13.79 -21.42
CA ARG B 46 -14.05 -14.49 -20.72
C ARG B 46 -13.89 -14.70 -19.19
N CYS B 47 -12.68 -14.82 -18.69
CA CYS B 47 -12.49 -15.19 -17.26
C CYS B 47 -11.99 -14.11 -16.26
N ALA B 48 -11.12 -13.22 -16.69
CA ALA B 48 -10.51 -12.22 -15.77
C ALA B 48 -11.55 -11.34 -15.02
N GLY B 49 -12.71 -11.18 -15.59
CA GLY B 49 -13.76 -10.37 -14.98
C GLY B 49 -14.05 -10.84 -13.54
N CYS B 50 -14.25 -12.15 -13.40
CA CYS B 50 -14.58 -12.77 -12.09
C CYS B 50 -13.36 -13.31 -11.37
N HIS B 51 -12.36 -13.85 -12.07
CA HIS B 51 -11.21 -14.47 -11.43
C HIS B 51 -10.02 -13.53 -11.19
N GLY B 52 -10.04 -12.36 -11.84
CA GLY B 52 -8.96 -11.40 -11.66
C GLY B 52 -7.79 -11.55 -12.60
N VAL B 53 -7.12 -10.42 -12.86
CA VAL B 53 -5.96 -10.36 -13.74
C VAL B 53 -4.79 -11.27 -13.30
N LEU B 54 -4.63 -11.43 -11.95
CA LEU B 54 -3.53 -12.26 -11.42
C LEU B 54 -4.05 -13.62 -10.94
N ARG B 55 -5.36 -13.78 -11.06
CA ARG B 55 -6.07 -15.03 -10.71
C ARG B 55 -6.08 -15.38 -9.21
N LYS B 56 -5.80 -14.43 -8.33
CA LYS B 56 -5.84 -14.71 -6.88
C LYS B 56 -7.30 -14.93 -6.49
N GLY B 57 -8.15 -14.55 -7.43
CA GLY B 57 -9.61 -14.68 -7.30
C GLY B 57 -10.24 -13.42 -6.73
N ALA B 58 -11.36 -13.17 -7.36
CA ALA B 58 -12.30 -12.14 -6.99
C ALA B 58 -13.58 -12.91 -6.70
N THR B 59 -14.63 -12.64 -7.43
CA THR B 59 -15.89 -13.35 -7.20
C THR B 59 -15.71 -14.90 -7.32
N GLY B 60 -14.53 -15.34 -7.75
CA GLY B 60 -14.27 -16.79 -7.92
C GLY B 60 -12.98 -17.24 -7.23
N LYS B 61 -12.93 -18.55 -7.00
CA LYS B 61 -11.79 -19.22 -6.36
C LYS B 61 -10.51 -18.91 -7.13
N PRO B 62 -9.44 -18.89 -6.35
CA PRO B 62 -8.13 -18.62 -6.90
C PRO B 62 -7.77 -19.70 -7.91
N LEU B 63 -7.22 -19.25 -9.03
CA LEU B 63 -6.80 -20.15 -10.13
C LEU B 63 -5.28 -20.16 -10.30
N THR B 64 -4.59 -20.07 -9.17
CA THR B 64 -3.11 -20.06 -9.17
C THR B 64 -2.56 -21.49 -9.08
N PRO B 65 -1.42 -21.74 -9.79
CA PRO B 65 -0.72 -23.03 -9.92
C PRO B 65 -0.73 -23.95 -8.72
N ASP B 66 -0.55 -23.39 -7.52
CA ASP B 66 -0.54 -24.17 -6.29
C ASP B 66 -1.85 -24.96 -6.12
N ILE B 67 -2.96 -24.35 -6.54
CA ILE B 67 -4.30 -24.94 -6.46
C ILE B 67 -4.65 -25.78 -7.70
N THR B 68 -4.55 -25.17 -8.89
CA THR B 68 -4.91 -25.84 -10.14
C THR B 68 -4.13 -27.11 -10.46
N GLN B 69 -2.85 -27.15 -10.13
CA GLN B 69 -2.06 -28.36 -10.39
C GLN B 69 -2.46 -29.48 -9.42
N GLN B 70 -3.00 -29.09 -8.28
CA GLN B 70 -3.47 -30.04 -7.27
C GLN B 70 -4.75 -30.70 -7.81
N ARG B 71 -5.63 -29.90 -8.43
CA ARG B 71 -6.88 -30.39 -8.99
C ARG B 71 -6.60 -31.30 -10.18
N GLY B 72 -5.62 -30.90 -11.01
CA GLY B 72 -5.24 -31.66 -12.19
C GLY B 72 -6.05 -31.34 -13.43
N GLN B 73 -5.58 -31.84 -14.58
CA GLN B 73 -6.22 -31.65 -15.89
C GLN B 73 -7.69 -32.04 -15.98
N GLN B 74 -8.00 -33.23 -15.49
CA GLN B 74 -9.36 -33.76 -15.55
C GLN B 74 -10.40 -32.95 -14.78
N TYR B 75 -10.09 -32.61 -13.53
CA TYR B 75 -11.01 -31.83 -12.71
C TYR B 75 -11.23 -30.47 -13.38
N LEU B 76 -10.14 -29.79 -13.72
CA LEU B 76 -10.21 -28.48 -14.36
C LEU B 76 -11.08 -28.48 -15.62
N GLU B 77 -10.81 -29.41 -16.54
CA GLU B 77 -11.59 -29.50 -17.77
C GLU B 77 -13.06 -29.76 -17.49
N ALA B 78 -13.35 -30.70 -16.60
CA ALA B 78 -14.73 -31.03 -16.26
C ALA B 78 -15.46 -29.85 -15.63
N LEU B 79 -14.74 -29.06 -14.83
CA LEU B 79 -15.36 -27.91 -14.19
C LEU B 79 -15.59 -26.78 -15.18
N ILE B 80 -14.60 -26.48 -16.01
CA ILE B 80 -14.76 -25.43 -17.00
C ILE B 80 -15.86 -25.84 -17.97
N THR B 81 -15.98 -27.15 -18.19
CA THR B 81 -16.98 -27.71 -19.11
C THR B 81 -18.44 -27.58 -18.67
N TYR B 82 -18.73 -27.90 -17.40
CA TYR B 82 -20.10 -27.84 -16.88
C TYR B 82 -20.38 -26.70 -15.90
N GLY B 83 -19.32 -26.19 -15.29
CA GLY B 83 -19.47 -25.12 -14.33
C GLY B 83 -20.01 -25.61 -13.00
N THR B 84 -20.44 -24.67 -12.17
CA THR B 84 -21.01 -24.98 -10.87
C THR B 84 -22.28 -24.14 -10.73
N PRO B 85 -23.24 -24.59 -9.91
CA PRO B 85 -24.50 -23.86 -9.71
C PRO B 85 -24.32 -22.57 -8.90
N LEU B 86 -23.13 -22.38 -8.34
CA LEU B 86 -22.83 -21.22 -7.52
C LEU B 86 -22.20 -20.02 -8.26
N GLY B 87 -22.48 -19.91 -9.56
CA GLY B 87 -21.97 -18.79 -10.33
C GLY B 87 -20.97 -19.05 -11.44
N MET B 88 -20.35 -20.23 -11.45
CA MET B 88 -19.37 -20.57 -12.48
C MET B 88 -20.05 -21.11 -13.74
N PRO B 89 -20.05 -20.31 -14.83
CA PRO B 89 -20.67 -20.70 -16.09
C PRO B 89 -20.17 -21.99 -16.72
N ASN B 90 -21.07 -22.69 -17.40
CA ASN B 90 -20.76 -23.95 -18.07
C ASN B 90 -20.24 -23.68 -19.46
N TRP B 91 -18.96 -23.38 -19.56
CA TRP B 91 -18.34 -23.05 -20.84
C TRP B 91 -18.48 -24.13 -21.93
N GLY B 92 -18.50 -25.39 -21.53
CA GLY B 92 -18.63 -26.47 -22.50
C GLY B 92 -20.05 -26.84 -22.84
N SER B 93 -20.85 -27.09 -21.81
CA SER B 93 -22.26 -27.46 -21.96
C SER B 93 -23.02 -26.47 -22.84
N SER B 94 -22.72 -25.18 -22.68
CA SER B 94 -23.39 -24.11 -23.44
C SER B 94 -22.91 -23.99 -24.88
N GLY B 95 -21.78 -24.64 -25.19
CA GLY B 95 -21.25 -24.57 -26.53
C GLY B 95 -20.44 -23.31 -26.78
N GLU B 96 -20.24 -22.53 -25.72
CA GLU B 96 -19.47 -21.28 -25.79
C GLU B 96 -17.99 -21.52 -26.13
N LEU B 97 -17.43 -22.60 -25.62
CA LEU B 97 -16.04 -22.97 -25.89
C LEU B 97 -16.01 -24.41 -26.37
N SER B 98 -14.92 -24.77 -27.05
CA SER B 98 -14.76 -26.11 -27.58
C SER B 98 -13.94 -26.98 -26.63
N LYS B 99 -14.04 -28.30 -26.78
CA LYS B 99 -13.27 -29.22 -25.92
C LYS B 99 -11.78 -28.93 -26.06
N GLU B 100 -11.40 -28.42 -27.23
CA GLU B 100 -10.01 -28.08 -27.52
C GLU B 100 -9.55 -26.86 -26.72
N GLN B 101 -10.38 -25.81 -26.70
CA GLN B 101 -10.10 -24.59 -25.95
C GLN B 101 -10.10 -24.89 -24.46
N ILE B 102 -11.15 -25.56 -23.98
CA ILE B 102 -11.27 -25.93 -22.59
C ILE B 102 -10.02 -26.71 -22.12
N THR B 103 -9.48 -27.55 -23.00
CA THR B 103 -8.28 -28.29 -22.68
C THR B 103 -7.11 -27.29 -22.59
N LEU B 104 -7.13 -26.27 -23.46
CA LEU B 104 -6.10 -25.22 -23.47
C LEU B 104 -6.15 -24.35 -22.21
N MET B 105 -7.35 -24.06 -21.72
CA MET B 105 -7.52 -23.25 -20.53
C MET B 105 -7.04 -24.01 -19.30
N ALA B 106 -7.47 -25.27 -19.17
CA ALA B 106 -7.05 -26.12 -18.04
C ALA B 106 -5.52 -26.20 -17.96
N LYS B 107 -4.86 -26.05 -19.09
CA LYS B 107 -3.40 -26.07 -19.14
C LYS B 107 -2.83 -24.69 -18.77
N TYR B 108 -3.43 -23.66 -19.35
CA TYR B 108 -3.03 -22.28 -19.14
C TYR B 108 -3.03 -21.90 -17.66
N ILE B 109 -4.11 -22.26 -16.96
CA ILE B 109 -4.26 -21.95 -15.55
C ILE B 109 -3.38 -22.78 -14.61
N GLN B 110 -2.53 -23.64 -15.17
CA GLN B 110 -1.60 -24.43 -14.36
C GLN B 110 -0.20 -23.82 -14.47
N HIS B 111 -0.11 -22.75 -15.25
CA HIS B 111 1.14 -22.03 -15.43
C HIS B 111 1.10 -20.77 -14.58
N THR B 112 2.26 -20.14 -14.41
CA THR B 112 2.37 -18.92 -13.63
C THR B 112 1.54 -17.85 -14.34
N PRO B 113 0.74 -17.08 -13.58
CA PRO B 113 -0.05 -16.03 -14.23
C PRO B 113 0.90 -15.06 -14.92
N PRO B 114 0.66 -14.75 -16.20
CA PRO B 114 1.54 -13.81 -16.92
C PRO B 114 1.43 -12.45 -16.22
N GLN B 115 2.40 -11.57 -16.43
CA GLN B 115 2.37 -10.25 -15.80
C GLN B 115 1.95 -9.09 -16.67
N PRO B 116 0.93 -8.33 -16.23
CA PRO B 116 0.38 -7.15 -16.91
C PRO B 116 1.33 -5.98 -16.63
N PRO B 117 1.30 -4.94 -17.49
CA PRO B 117 2.19 -3.81 -17.27
C PRO B 117 1.74 -2.90 -16.14
N GLU B 118 2.69 -2.21 -15.51
CA GLU B 118 2.35 -1.26 -14.46
C GLU B 118 1.92 0.03 -15.16
N TRP B 119 1.57 1.07 -14.40
CA TRP B 119 1.12 2.32 -15.02
C TRP B 119 1.28 3.47 -14.05
N GLY B 120 2.49 4.02 -14.00
CA GLY B 120 2.76 5.14 -13.13
C GLY B 120 2.80 6.48 -13.83
N MET B 121 3.40 7.48 -13.18
CA MET B 121 3.52 8.83 -13.70
C MET B 121 4.12 8.93 -15.11
N PRO B 122 5.25 8.23 -15.38
CA PRO B 122 5.80 8.32 -16.74
C PRO B 122 4.70 8.06 -17.79
N GLU B 123 4.01 6.93 -17.66
CA GLU B 123 2.92 6.54 -18.55
C GLU B 123 1.73 7.51 -18.53
N MET B 124 1.35 7.98 -17.34
CA MET B 124 0.23 8.93 -17.22
C MET B 124 0.53 10.25 -17.92
N ARG B 125 1.70 10.85 -17.62
CA ARG B 125 2.10 12.11 -18.22
C ARG B 125 2.21 11.99 -19.73
N GLU B 126 2.68 10.83 -20.18
CA GLU B 126 2.81 10.58 -21.60
C GLU B 126 1.45 10.63 -22.31
N SER B 127 0.40 10.17 -21.62
CA SER B 127 -0.95 10.15 -22.18
C SER B 127 -1.74 11.42 -21.92
N TRP B 128 -1.28 12.19 -20.96
CA TRP B 128 -1.92 13.44 -20.55
C TRP B 128 -1.87 14.52 -21.63
N LYS B 129 -3.04 14.97 -22.03
CA LYS B 129 -3.19 16.00 -23.05
C LYS B 129 -4.12 17.11 -22.57
N VAL B 130 -3.71 18.36 -22.76
CA VAL B 130 -4.52 19.53 -22.43
C VAL B 130 -4.94 20.06 -23.80
N LEU B 131 -6.20 19.82 -24.16
CA LEU B 131 -6.72 20.21 -25.47
C LEU B 131 -6.91 21.72 -25.57
N VAL B 132 -7.51 22.31 -24.55
CA VAL B 132 -7.75 23.74 -24.51
C VAL B 132 -7.33 24.23 -23.13
N LYS B 133 -6.31 25.08 -23.09
CA LYS B 133 -5.79 25.64 -21.83
C LYS B 133 -6.87 26.43 -21.10
N PRO B 134 -6.79 26.47 -19.75
CA PRO B 134 -7.76 27.20 -18.94
C PRO B 134 -7.87 28.67 -19.34
N GLU B 135 -6.78 29.22 -19.87
CA GLU B 135 -6.71 30.61 -20.30
C GLU B 135 -7.50 30.84 -21.60
N ASP B 136 -7.48 29.84 -22.48
CA ASP B 136 -8.17 29.92 -23.77
C ASP B 136 -9.62 29.45 -23.75
N ARG B 137 -10.08 28.98 -22.59
CA ARG B 137 -11.45 28.51 -22.43
C ARG B 137 -12.38 29.70 -22.25
N PRO B 138 -13.70 29.49 -22.40
CA PRO B 138 -14.68 30.57 -22.23
C PRO B 138 -14.68 31.10 -20.79
N LYS B 139 -15.29 32.26 -20.58
CA LYS B 139 -15.38 32.86 -19.25
C LYS B 139 -16.83 32.75 -18.78
N LYS B 140 -17.72 32.48 -19.74
CA LYS B 140 -19.16 32.34 -19.47
C LYS B 140 -19.78 31.35 -20.45
N GLN B 141 -21.00 30.92 -20.17
CA GLN B 141 -21.71 29.95 -21.03
C GLN B 141 -21.99 30.55 -22.41
N LEU B 142 -21.24 30.08 -23.41
CA LEU B 142 -21.37 30.58 -24.78
C LEU B 142 -22.52 29.95 -25.61
N ASN B 143 -23.25 29.01 -25.01
CA ASN B 143 -24.37 28.39 -25.70
C ASN B 143 -25.68 28.70 -24.96
N ASP B 144 -26.81 28.30 -25.55
CA ASP B 144 -28.10 28.56 -24.93
C ASP B 144 -28.83 27.30 -24.49
N LEU B 145 -28.04 26.28 -24.16
CA LEU B 145 -28.58 25.02 -23.70
C LEU B 145 -28.92 25.10 -22.22
N ASP B 146 -29.90 24.30 -21.84
CA ASP B 146 -30.34 24.17 -20.45
C ASP B 146 -29.44 23.06 -19.93
N LEU B 147 -28.19 23.42 -19.65
CA LEU B 147 -27.19 22.48 -19.15
C LEU B 147 -27.63 21.60 -17.99
N PRO B 148 -28.23 22.18 -16.94
CA PRO B 148 -28.68 21.37 -15.79
C PRO B 148 -29.60 20.19 -16.14
N ASN B 149 -30.37 20.34 -17.20
CA ASN B 149 -31.29 19.27 -17.62
C ASN B 149 -30.80 18.42 -18.79
N LEU B 150 -29.50 18.52 -19.08
CA LEU B 150 -28.86 17.75 -20.14
C LEU B 150 -28.67 16.32 -19.63
N PHE B 151 -28.40 15.38 -20.53
CA PHE B 151 -28.20 13.98 -20.15
C PHE B 151 -26.93 13.45 -20.78
N SER B 152 -26.08 12.82 -19.98
CA SER B 152 -24.84 12.25 -20.49
C SER B 152 -25.09 10.75 -20.61
N VAL B 153 -25.30 10.30 -21.84
CA VAL B 153 -25.59 8.90 -22.11
C VAL B 153 -24.38 8.17 -22.67
N THR B 154 -24.16 6.94 -22.20
CA THR B 154 -23.05 6.14 -22.65
C THR B 154 -23.36 5.32 -23.90
N LEU B 155 -22.69 5.65 -24.99
CA LEU B 155 -22.84 4.90 -26.23
C LEU B 155 -21.75 3.83 -26.10
N ARG B 156 -21.92 2.93 -25.14
CA ARG B 156 -20.94 1.89 -24.82
C ARG B 156 -19.97 1.38 -25.87
N ASP B 157 -20.42 0.45 -26.70
CA ASP B 157 -19.60 -0.15 -27.76
C ASP B 157 -19.00 0.82 -28.77
N ALA B 158 -19.66 1.95 -28.95
CA ALA B 158 -19.24 2.99 -29.89
C ALA B 158 -18.05 3.83 -29.39
N GLY B 159 -17.69 3.69 -28.13
CA GLY B 159 -16.58 4.44 -27.56
C GLY B 159 -16.89 5.93 -27.60
N GLN B 160 -18.09 6.29 -27.16
CA GLN B 160 -18.53 7.69 -27.16
C GLN B 160 -19.64 7.88 -26.14
N ILE B 161 -20.04 9.15 -25.97
CA ILE B 161 -21.16 9.52 -25.11
C ILE B 161 -21.98 10.55 -25.87
N ALA B 162 -23.28 10.60 -25.61
CA ALA B 162 -24.13 11.57 -26.29
C ALA B 162 -24.77 12.46 -25.25
N LEU B 163 -24.84 13.76 -25.57
CA LEU B 163 -25.45 14.74 -24.69
C LEU B 163 -26.87 14.92 -25.24
N VAL B 164 -27.84 14.37 -24.54
CA VAL B 164 -29.25 14.45 -24.95
C VAL B 164 -29.98 15.55 -24.19
N ASP B 165 -30.73 16.39 -24.92
CA ASP B 165 -31.47 17.48 -24.30
C ASP B 165 -32.72 16.92 -23.64
N GLY B 166 -32.81 17.07 -22.32
CA GLY B 166 -33.95 16.56 -21.59
C GLY B 166 -35.31 16.94 -22.12
N ASP B 167 -35.50 18.21 -22.48
CA ASP B 167 -36.78 18.69 -22.99
C ASP B 167 -37.08 18.34 -24.44
N SER B 168 -36.10 18.53 -25.32
CA SER B 168 -36.31 18.25 -26.74
C SER B 168 -36.20 16.76 -27.07
N LYS B 169 -35.51 16.00 -26.22
CA LYS B 169 -35.30 14.56 -26.41
C LYS B 169 -34.42 14.24 -27.61
N LYS B 170 -33.62 15.21 -28.05
CA LYS B 170 -32.72 15.06 -29.19
C LYS B 170 -31.25 15.03 -28.79
N ILE B 171 -30.42 14.45 -29.65
CA ILE B 171 -28.98 14.35 -29.42
C ILE B 171 -28.30 15.63 -29.90
N VAL B 172 -27.83 16.41 -28.93
CA VAL B 172 -27.17 17.69 -29.15
C VAL B 172 -25.70 17.62 -29.56
N LYS B 173 -24.98 16.59 -29.11
CA LYS B 173 -23.56 16.46 -29.43
C LYS B 173 -23.03 15.07 -29.04
N VAL B 174 -22.41 14.38 -29.99
CA VAL B 174 -21.83 13.06 -29.75
C VAL B 174 -20.31 13.28 -29.61
N ILE B 175 -19.74 12.82 -28.51
CA ILE B 175 -18.31 13.00 -28.25
C ILE B 175 -17.54 11.68 -28.14
N ASP B 176 -16.39 11.62 -28.81
CA ASP B 176 -15.51 10.47 -28.80
C ASP B 176 -14.79 10.37 -27.45
N THR B 177 -14.79 9.17 -26.86
CA THR B 177 -14.20 8.95 -25.54
C THR B 177 -13.48 7.59 -25.44
N GLY B 178 -13.25 7.15 -24.20
CA GLY B 178 -12.60 5.86 -23.98
C GLY B 178 -13.62 4.77 -24.26
N TYR B 179 -13.16 3.53 -24.42
CA TYR B 179 -14.10 2.46 -24.70
C TYR B 179 -15.02 2.14 -23.52
N ALA B 180 -16.29 1.94 -23.84
CA ALA B 180 -17.32 1.59 -22.86
C ALA B 180 -17.29 2.43 -21.58
N VAL B 181 -17.50 3.74 -21.73
CA VAL B 181 -17.52 4.63 -20.57
C VAL B 181 -18.41 3.99 -19.50
N HIS B 182 -17.96 4.00 -18.24
CA HIS B 182 -18.77 3.38 -17.20
C HIS B 182 -19.72 4.33 -16.51
N ILE B 183 -19.23 5.52 -16.16
CA ILE B 183 -20.02 6.55 -15.48
C ILE B 183 -19.68 7.97 -15.92
N SER B 184 -20.53 8.91 -15.53
CA SER B 184 -20.38 10.34 -15.82
C SER B 184 -20.56 11.06 -14.47
N ARG B 185 -19.65 11.98 -14.17
CA ARG B 185 -19.72 12.73 -12.94
C ARG B 185 -19.57 14.21 -13.31
N MET B 186 -20.24 15.08 -12.56
CA MET B 186 -20.17 16.50 -12.83
C MET B 186 -19.23 17.17 -11.84
N SER B 187 -18.49 18.16 -12.30
CA SER B 187 -17.58 18.91 -11.44
C SER B 187 -18.50 19.69 -10.48
N ALA B 188 -17.93 20.28 -9.43
CA ALA B 188 -18.71 21.02 -8.44
C ALA B 188 -19.39 22.27 -9.00
N SER B 189 -18.75 22.92 -9.98
CA SER B 189 -19.30 24.13 -10.60
C SER B 189 -20.35 23.87 -11.68
N GLY B 190 -20.67 22.60 -11.93
CA GLY B 190 -21.66 22.27 -12.93
C GLY B 190 -21.20 22.61 -14.34
N ARG B 191 -19.93 23.00 -14.50
CA ARG B 191 -19.40 23.36 -15.81
C ARG B 191 -18.76 22.20 -16.57
N TYR B 192 -17.86 21.48 -15.92
CA TYR B 192 -17.19 20.37 -16.56
C TYR B 192 -17.81 18.99 -16.36
N LEU B 193 -17.91 18.23 -17.44
CA LEU B 193 -18.45 16.86 -17.42
C LEU B 193 -17.27 15.90 -17.47
N LEU B 194 -17.16 15.05 -16.46
CA LEU B 194 -16.09 14.05 -16.36
C LEU B 194 -16.61 12.66 -16.71
N VAL B 195 -15.94 11.97 -17.64
CA VAL B 195 -16.34 10.63 -18.03
C VAL B 195 -15.10 9.74 -18.05
N ILE B 196 -15.27 8.45 -17.77
CA ILE B 196 -14.15 7.51 -17.75
C ILE B 196 -14.49 6.16 -18.38
N GLY B 197 -13.65 5.71 -19.32
CA GLY B 197 -13.87 4.44 -19.96
C GLY B 197 -13.33 3.30 -19.11
N ARG B 198 -13.73 2.07 -19.43
CA ARG B 198 -13.25 0.90 -18.69
C ARG B 198 -11.77 0.70 -18.97
N ASP B 199 -11.28 1.31 -20.04
CA ASP B 199 -9.86 1.25 -20.39
C ASP B 199 -9.05 2.29 -19.60
N ALA B 200 -9.72 2.97 -18.68
CA ALA B 200 -9.11 3.99 -17.81
C ALA B 200 -8.82 5.36 -18.45
N ARG B 201 -9.35 5.61 -19.64
CA ARG B 201 -9.16 6.89 -20.28
C ARG B 201 -10.25 7.86 -19.82
N ILE B 202 -9.82 8.99 -19.24
CA ILE B 202 -10.72 10.02 -18.74
C ILE B 202 -10.76 11.19 -19.73
N ASP B 203 -11.94 11.77 -19.89
CA ASP B 203 -12.13 12.94 -20.77
C ASP B 203 -12.90 14.00 -20.02
N MET B 204 -12.36 15.21 -20.01
CA MET B 204 -12.97 16.36 -19.36
C MET B 204 -13.63 17.17 -20.46
N ILE B 205 -14.91 17.47 -20.27
CA ILE B 205 -15.69 18.19 -21.27
C ILE B 205 -16.24 19.52 -20.74
N ASP B 206 -15.92 20.61 -21.43
CA ASP B 206 -16.41 21.92 -21.05
C ASP B 206 -17.79 22.16 -21.69
N LEU B 207 -18.80 22.33 -20.85
CA LEU B 207 -20.18 22.54 -21.29
C LEU B 207 -20.48 24.01 -21.65
N TRP B 208 -19.47 24.87 -21.50
CA TRP B 208 -19.62 26.29 -21.78
C TRP B 208 -19.21 26.69 -23.20
N ALA B 209 -18.33 25.91 -23.83
CA ALA B 209 -17.89 26.19 -25.19
C ALA B 209 -19.11 26.32 -26.11
N LYS B 210 -18.97 27.02 -27.25
CA LYS B 210 -20.08 27.20 -28.19
C LYS B 210 -20.79 25.88 -28.42
N GLU B 211 -19.98 24.84 -28.51
CA GLU B 211 -20.44 23.48 -28.68
C GLU B 211 -19.53 22.72 -27.71
N PRO B 212 -20.11 22.01 -26.73
CA PRO B 212 -19.37 21.24 -25.73
C PRO B 212 -18.17 20.49 -26.32
N THR B 213 -16.99 20.79 -25.81
CA THR B 213 -15.76 20.16 -26.31
C THR B 213 -14.88 19.65 -25.18
N LYS B 214 -14.08 18.64 -25.50
CA LYS B 214 -13.15 18.05 -24.55
C LYS B 214 -12.00 19.02 -24.40
N VAL B 215 -11.64 19.33 -23.16
CA VAL B 215 -10.55 20.26 -22.86
C VAL B 215 -9.28 19.59 -22.30
N ALA B 216 -9.38 18.30 -21.96
CA ALA B 216 -8.24 17.55 -21.43
C ALA B 216 -8.56 16.05 -21.36
N GLU B 217 -7.52 15.21 -21.36
CA GLU B 217 -7.70 13.77 -21.26
C GLU B 217 -6.46 13.11 -20.66
N ILE B 218 -6.63 11.88 -20.17
CA ILE B 218 -5.51 11.16 -19.56
C ILE B 218 -5.91 9.71 -19.35
N LYS B 219 -4.93 8.82 -19.29
CA LYS B 219 -5.19 7.41 -19.05
C LYS B 219 -4.56 7.14 -17.67
N ILE B 220 -5.37 6.75 -16.68
CA ILE B 220 -4.86 6.51 -15.32
C ILE B 220 -4.52 5.06 -14.96
N GLY B 221 -4.60 4.17 -15.95
CA GLY B 221 -4.31 2.77 -15.71
C GLY B 221 -4.63 1.92 -16.92
N ILE B 222 -4.59 0.60 -16.71
CA ILE B 222 -4.88 -0.33 -17.79
C ILE B 222 -6.38 -0.51 -17.90
N GLU B 223 -7.06 -0.54 -16.75
CA GLU B 223 -8.52 -0.72 -16.69
C GLU B 223 -9.05 -0.02 -15.44
N ALA B 224 -10.22 0.63 -15.54
CA ALA B 224 -10.79 1.37 -14.41
C ALA B 224 -12.31 1.50 -14.47
N ARG B 225 -12.91 2.03 -13.41
CA ARG B 225 -14.37 2.17 -13.37
C ARG B 225 -14.90 3.52 -12.89
N SER B 226 -14.18 4.18 -11.99
CA SER B 226 -14.65 5.43 -11.41
C SER B 226 -13.81 6.71 -11.50
N VAL B 227 -14.54 7.81 -11.41
CA VAL B 227 -14.00 9.15 -11.47
C VAL B 227 -14.88 10.00 -10.55
N GLU B 228 -14.27 10.98 -9.89
CA GLU B 228 -15.00 11.88 -9.00
C GLU B 228 -14.29 13.23 -8.94
N SER B 229 -15.02 14.26 -8.51
CA SER B 229 -14.50 15.63 -8.42
C SER B 229 -14.64 16.13 -6.98
N SER B 230 -13.75 17.02 -6.52
CA SER B 230 -13.85 17.53 -5.15
C SER B 230 -15.10 18.39 -4.92
N LYS B 231 -15.85 18.04 -3.89
CA LYS B 231 -17.07 18.76 -3.60
C LYS B 231 -17.11 19.48 -2.26
N PHE B 232 -15.99 19.50 -1.54
CA PHE B 232 -15.96 20.18 -0.27
C PHE B 232 -15.87 21.69 -0.53
N LYS B 233 -16.56 22.45 0.31
CA LYS B 233 -16.63 23.91 0.19
C LYS B 233 -15.25 24.55 -0.02
N GLY B 234 -15.13 25.32 -1.09
CA GLY B 234 -13.87 25.99 -1.39
C GLY B 234 -12.92 25.22 -2.27
N TYR B 235 -13.34 24.04 -2.70
CA TYR B 235 -12.50 23.19 -3.54
C TYR B 235 -13.20 22.82 -4.85
N GLU B 236 -14.08 23.69 -5.33
CA GLU B 236 -14.77 23.45 -6.61
C GLU B 236 -13.72 23.35 -7.71
N ASP B 237 -13.82 22.32 -8.54
CA ASP B 237 -12.90 22.08 -9.66
C ASP B 237 -11.41 22.01 -9.27
N ARG B 238 -11.12 21.79 -7.99
CA ARG B 238 -9.73 21.71 -7.54
C ARG B 238 -9.05 20.40 -7.86
N TYR B 239 -9.71 19.28 -7.55
CA TYR B 239 -9.16 17.96 -7.81
C TYR B 239 -10.11 16.97 -8.43
N THR B 240 -9.53 16.06 -9.22
CA THR B 240 -10.28 14.98 -9.88
C THR B 240 -9.56 13.69 -9.44
N ILE B 241 -10.32 12.66 -9.08
CA ILE B 241 -9.72 11.40 -8.66
C ILE B 241 -10.36 10.27 -9.46
N ALA B 242 -9.58 9.21 -9.69
CA ALA B 242 -10.08 8.06 -10.42
C ALA B 242 -9.50 6.79 -9.81
N GLY B 243 -10.30 5.73 -9.84
CA GLY B 243 -9.86 4.45 -9.29
C GLY B 243 -9.62 3.46 -10.42
N ALA B 244 -8.65 2.58 -10.23
CA ALA B 244 -8.29 1.58 -11.22
C ALA B 244 -8.44 0.15 -10.75
N TYR B 245 -8.94 -0.71 -11.64
CA TYR B 245 -9.08 -2.13 -11.37
C TYR B 245 -7.64 -2.70 -11.50
N TRP B 246 -7.03 -2.36 -12.66
CA TRP B 246 -5.63 -2.75 -12.75
C TRP B 246 -4.79 -1.63 -13.39
N PRO B 247 -3.66 -1.25 -12.73
CA PRO B 247 -3.11 -1.79 -11.47
C PRO B 247 -3.97 -1.40 -10.26
N PRO B 248 -3.82 -2.09 -9.13
CA PRO B 248 -4.65 -1.73 -7.97
C PRO B 248 -4.20 -0.36 -7.49
N GLN B 249 -4.86 0.70 -7.95
CA GLN B 249 -4.46 2.07 -7.58
C GLN B 249 -5.50 3.13 -7.91
N PHE B 250 -5.22 4.34 -7.43
CA PHE B 250 -6.05 5.50 -7.73
C PHE B 250 -5.13 6.70 -7.94
N ALA B 251 -5.55 7.61 -8.81
CA ALA B 251 -4.76 8.78 -9.10
C ALA B 251 -5.51 10.05 -8.82
N ILE B 252 -4.78 11.05 -8.34
CA ILE B 252 -5.36 12.35 -8.05
C ILE B 252 -4.70 13.34 -9.02
N MET B 253 -5.55 14.09 -9.70
CA MET B 253 -5.11 15.06 -10.70
C MET B 253 -5.61 16.45 -10.43
N ASP B 254 -5.09 17.37 -11.23
CA ASP B 254 -5.45 18.77 -11.19
C ASP B 254 -6.85 18.83 -11.76
N GLY B 255 -7.77 19.49 -11.07
CA GLY B 255 -9.14 19.54 -11.56
C GLY B 255 -9.45 20.49 -12.71
N GLU B 256 -8.46 21.25 -13.17
CA GLU B 256 -8.66 22.18 -14.28
C GLU B 256 -8.02 21.66 -15.55
N THR B 257 -6.91 20.95 -15.39
CA THR B 257 -6.17 20.43 -16.53
C THR B 257 -6.03 18.91 -16.59
N LEU B 258 -6.33 18.24 -15.48
CA LEU B 258 -6.22 16.80 -15.33
C LEU B 258 -4.76 16.38 -15.22
N GLU B 259 -3.91 17.29 -14.73
CA GLU B 259 -2.50 16.97 -14.58
C GLU B 259 -2.28 16.02 -13.40
N PRO B 260 -1.68 14.84 -13.66
CA PRO B 260 -1.41 13.86 -12.60
C PRO B 260 -0.52 14.44 -11.52
N LYS B 261 -0.95 14.29 -10.27
CA LYS B 261 -0.23 14.81 -9.12
C LYS B 261 0.23 13.71 -8.18
N GLN B 262 -0.70 12.81 -7.82
CA GLN B 262 -0.40 11.70 -6.91
C GLN B 262 -0.99 10.38 -7.39
N ILE B 263 -0.26 9.29 -7.17
CA ILE B 263 -0.69 7.94 -7.50
C ILE B 263 -0.44 7.08 -6.26
N VAL B 264 -1.46 6.37 -5.82
CA VAL B 264 -1.36 5.56 -4.62
C VAL B 264 -1.78 4.11 -4.87
N SER B 265 -0.90 3.16 -4.53
CA SER B 265 -1.19 1.74 -4.68
C SER B 265 -2.17 1.30 -3.60
N THR B 266 -3.10 0.42 -3.96
CA THR B 266 -4.10 -0.08 -3.02
C THR B 266 -3.87 -1.56 -2.71
N ARG B 267 -2.71 -2.07 -3.11
CA ARG B 267 -2.32 -3.44 -2.83
C ARG B 267 -2.12 -3.43 -1.31
N GLY B 268 -2.71 -4.40 -0.61
CA GLY B 268 -2.56 -4.42 0.83
C GLY B 268 -3.19 -5.60 1.53
N MET B 269 -3.28 -5.51 2.85
CA MET B 269 -3.88 -6.54 3.69
C MET B 269 -5.39 -6.44 3.65
N THR B 270 -6.06 -7.59 3.76
CA THR B 270 -7.52 -7.68 3.73
C THR B 270 -8.13 -7.40 5.10
N VAL B 271 -9.38 -6.95 5.11
CA VAL B 271 -10.09 -6.62 6.35
C VAL B 271 -10.47 -7.84 7.18
N ASP B 272 -10.89 -8.90 6.50
CA ASP B 272 -11.31 -10.13 7.17
C ASP B 272 -10.19 -11.04 7.68
N THR B 273 -9.34 -11.53 6.78
CA THR B 273 -8.27 -12.42 7.17
C THR B 273 -6.96 -11.73 7.53
N GLN B 274 -6.81 -10.50 7.04
CA GLN B 274 -5.59 -9.72 7.28
C GLN B 274 -4.35 -10.40 6.68
N THR B 275 -4.52 -10.84 5.44
CA THR B 275 -3.45 -11.46 4.66
C THR B 275 -3.29 -10.54 3.45
N TYR B 276 -2.14 -10.62 2.79
CA TYR B 276 -1.85 -9.78 1.63
C TYR B 276 -2.67 -10.12 0.39
N HIS B 277 -3.25 -9.10 -0.21
CA HIS B 277 -4.01 -9.26 -1.45
C HIS B 277 -3.33 -8.39 -2.52
N PRO B 278 -2.71 -9.04 -3.52
CA PRO B 278 -1.98 -8.42 -4.63
C PRO B 278 -2.80 -7.71 -5.70
N GLU B 279 -4.12 -7.68 -5.53
CA GLU B 279 -4.95 -7.02 -6.53
C GLU B 279 -6.29 -6.51 -6.03
N PRO B 280 -6.28 -5.55 -5.08
CA PRO B 280 -7.51 -4.99 -4.54
C PRO B 280 -7.98 -3.86 -5.45
N ARG B 281 -8.88 -4.21 -6.36
CA ARG B 281 -9.44 -3.25 -7.31
C ARG B 281 -10.20 -2.14 -6.63
N VAL B 282 -10.06 -0.93 -7.16
CA VAL B 282 -10.75 0.23 -6.63
C VAL B 282 -12.12 0.28 -7.30
N ALA B 283 -13.16 0.36 -6.48
CA ALA B 283 -14.52 0.41 -6.95
C ALA B 283 -15.02 1.86 -6.81
N ALA B 284 -16.20 2.05 -6.23
CA ALA B 284 -16.80 3.37 -6.07
C ALA B 284 -15.97 4.42 -5.33
N ILE B 285 -16.15 5.67 -5.77
CA ILE B 285 -15.47 6.82 -5.17
C ILE B 285 -16.51 7.93 -5.11
N ILE B 286 -16.62 8.58 -3.95
CA ILE B 286 -17.57 9.67 -3.74
C ILE B 286 -16.90 10.78 -2.92
N ALA B 287 -17.08 12.03 -3.35
CA ALA B 287 -16.49 13.17 -2.68
C ALA B 287 -17.20 13.47 -1.38
N SER B 288 -16.41 13.77 -0.35
CA SER B 288 -16.93 14.06 0.98
C SER B 288 -17.40 15.51 1.03
N HIS B 289 -18.50 15.73 1.74
CA HIS B 289 -19.08 17.06 1.92
C HIS B 289 -18.79 17.56 3.35
N GLU B 290 -18.25 16.66 4.17
CA GLU B 290 -17.91 16.95 5.55
C GLU B 290 -16.47 17.45 5.73
N HIS B 291 -15.54 16.85 5.00
CA HIS B 291 -14.14 17.22 5.06
C HIS B 291 -13.60 17.22 3.64
N PRO B 292 -12.43 17.86 3.40
CA PRO B 292 -11.85 17.90 2.06
C PRO B 292 -11.23 16.53 1.79
N GLU B 293 -12.08 15.57 1.45
CA GLU B 293 -11.63 14.20 1.22
C GLU B 293 -12.42 13.48 0.15
N PHE B 294 -11.90 12.33 -0.24
CA PHE B 294 -12.54 11.46 -1.20
C PHE B 294 -12.72 10.14 -0.45
N ILE B 295 -13.91 9.55 -0.55
CA ILE B 295 -14.15 8.28 0.09
C ILE B 295 -13.99 7.22 -0.99
N VAL B 296 -12.93 6.39 -0.87
CA VAL B 296 -12.63 5.40 -1.92
C VAL B 296 -12.91 3.97 -1.41
N ASN B 297 -13.45 3.15 -2.30
CA ASN B 297 -13.76 1.74 -1.98
C ASN B 297 -12.70 0.85 -2.60
N VAL B 298 -12.13 0.00 -1.78
CA VAL B 298 -11.13 -0.99 -2.24
C VAL B 298 -11.77 -2.37 -2.05
N LYS B 299 -12.31 -2.81 -3.15
CA LYS B 299 -13.09 -4.06 -3.30
C LYS B 299 -12.59 -5.35 -2.55
N GLU B 300 -11.53 -5.98 -3.02
CA GLU B 300 -11.07 -7.27 -2.42
C GLU B 300 -10.60 -7.18 -0.96
N THR B 301 -10.05 -6.06 -0.54
CA THR B 301 -9.58 -5.96 0.85
C THR B 301 -10.70 -5.46 1.77
N GLY B 302 -11.73 -4.89 1.17
CA GLY B 302 -12.91 -4.38 1.91
C GLY B 302 -12.49 -3.24 2.84
N LYS B 303 -11.88 -2.26 2.23
CA LYS B 303 -11.40 -1.06 2.92
C LYS B 303 -11.96 0.20 2.31
N VAL B 304 -12.37 1.14 3.16
CA VAL B 304 -12.88 2.43 2.72
C VAL B 304 -11.84 3.47 3.16
N LEU B 305 -11.14 4.03 2.18
CA LEU B 305 -10.08 5.02 2.42
C LEU B 305 -10.58 6.45 2.34
N LEU B 306 -10.20 7.27 3.32
CA LEU B 306 -10.58 8.68 3.38
C LEU B 306 -9.33 9.49 3.06
N VAL B 307 -9.15 9.78 1.78
CA VAL B 307 -8.00 10.50 1.28
C VAL B 307 -8.24 12.00 1.37
N ASN B 308 -7.47 12.67 2.22
CA ASN B 308 -7.59 14.10 2.42
C ASN B 308 -6.71 14.85 1.42
N TYR B 309 -7.30 15.79 0.69
CA TYR B 309 -6.59 16.56 -0.31
C TYR B 309 -6.22 18.00 0.07
N LYS B 310 -6.45 18.36 1.34
CA LYS B 310 -6.13 19.69 1.85
C LYS B 310 -4.66 19.97 1.54
N ASP B 311 -3.87 18.90 1.50
CA ASP B 311 -2.44 18.97 1.18
C ASP B 311 -2.14 17.69 0.41
N ILE B 312 -2.13 17.78 -0.91
CA ILE B 312 -1.84 16.62 -1.76
C ILE B 312 -0.36 16.32 -1.98
N ASP B 313 0.51 17.08 -1.30
CA ASP B 313 1.94 16.84 -1.43
C ASP B 313 2.31 15.75 -0.44
N ASN B 314 1.72 15.86 0.76
CA ASN B 314 1.92 14.90 1.83
C ASN B 314 0.53 14.38 2.13
N LEU B 315 0.17 13.34 1.40
CA LEU B 315 -1.13 12.70 1.48
C LEU B 315 -1.44 11.99 2.78
N THR B 316 -2.63 12.27 3.31
CA THR B 316 -3.12 11.67 4.54
C THR B 316 -4.33 10.79 4.23
N VAL B 317 -4.22 9.52 4.59
CA VAL B 317 -5.31 8.56 4.34
C VAL B 317 -5.74 7.93 5.64
N THR B 318 -7.05 7.75 5.81
CA THR B 318 -7.58 7.08 6.99
C THR B 318 -8.22 5.81 6.45
N SER B 319 -7.65 4.67 6.82
CA SER B 319 -8.14 3.38 6.36
C SER B 319 -9.16 2.75 7.30
N ILE B 320 -10.42 2.87 6.92
CA ILE B 320 -11.54 2.34 7.70
C ILE B 320 -11.86 0.95 7.16
N GLY B 321 -11.99 -0.02 8.05
CA GLY B 321 -12.31 -1.37 7.62
C GLY B 321 -13.81 -1.59 7.58
N ALA B 322 -14.30 -2.15 6.48
CA ALA B 322 -15.74 -2.41 6.31
C ALA B 322 -15.98 -3.92 6.17
N ALA B 323 -16.30 -4.38 4.97
CA ALA B 323 -16.52 -5.80 4.73
C ALA B 323 -16.03 -6.11 3.34
N PRO B 324 -15.59 -7.36 3.10
CA PRO B 324 -15.09 -7.81 1.80
C PRO B 324 -16.02 -7.54 0.64
N PHE B 325 -15.41 -7.15 -0.48
CA PHE B 325 -16.09 -6.90 -1.75
C PHE B 325 -16.94 -5.67 -1.91
N LEU B 326 -16.41 -4.54 -1.43
CA LEU B 326 -17.09 -3.25 -1.55
C LEU B 326 -17.19 -2.95 -3.05
N HIS B 327 -18.33 -2.41 -3.48
CA HIS B 327 -18.53 -2.11 -4.89
C HIS B 327 -19.08 -0.68 -5.03
N ASP B 328 -20.37 -0.58 -5.31
CA ASP B 328 -21.07 0.70 -5.49
C ASP B 328 -21.75 1.19 -4.20
N GLY B 329 -22.41 2.34 -4.30
CA GLY B 329 -23.11 2.91 -3.15
C GLY B 329 -23.37 4.39 -3.31
N GLY B 330 -24.02 5.01 -2.32
CA GLY B 330 -24.30 6.43 -2.41
C GLY B 330 -24.76 7.08 -1.11
N TRP B 331 -24.82 8.40 -1.11
CA TRP B 331 -25.25 9.17 0.06
C TRP B 331 -26.67 8.91 0.56
N ASP B 332 -26.86 9.01 1.87
CA ASP B 332 -28.19 8.90 2.45
C ASP B 332 -28.79 10.28 2.14
N SER B 333 -30.07 10.50 2.41
CA SER B 333 -30.71 11.79 2.10
C SER B 333 -29.96 13.03 2.59
N SER B 334 -29.29 12.92 3.74
CA SER B 334 -28.57 14.06 4.33
C SER B 334 -27.15 14.28 3.81
N HIS B 335 -26.67 13.39 2.95
CA HIS B 335 -25.32 13.47 2.39
C HIS B 335 -24.23 13.41 3.47
N ARG B 336 -24.36 12.46 4.40
CA ARG B 336 -23.39 12.32 5.46
C ARG B 336 -22.90 10.87 5.61
N TYR B 337 -23.81 9.94 5.32
CA TYR B 337 -23.51 8.52 5.40
C TYR B 337 -23.41 7.92 4.02
N PHE B 338 -22.29 7.25 3.77
CA PHE B 338 -22.03 6.63 2.49
C PHE B 338 -22.55 5.20 2.61
N MET B 339 -23.66 4.97 1.97
CA MET B 339 -24.33 3.66 1.92
C MET B 339 -23.76 2.84 0.76
N THR B 340 -22.75 2.03 1.08
CA THR B 340 -22.09 1.19 0.05
C THR B 340 -22.33 -0.30 0.31
N ALA B 341 -22.32 -1.05 -0.77
CA ALA B 341 -22.58 -2.50 -0.72
C ALA B 341 -21.35 -3.39 -0.97
N ALA B 342 -21.18 -4.28 -0.03
CA ALA B 342 -20.17 -5.35 -0.06
C ALA B 342 -20.97 -6.52 -0.62
N ASN B 343 -21.22 -6.41 -1.91
CA ASN B 343 -22.11 -7.34 -2.67
C ASN B 343 -21.85 -8.86 -2.48
N ASN B 344 -20.63 -9.33 -2.47
CA ASN B 344 -20.40 -10.80 -2.31
C ASN B 344 -20.39 -11.19 -0.84
N SER B 345 -20.59 -10.23 0.05
CA SER B 345 -20.69 -10.47 1.48
C SER B 345 -22.16 -10.37 1.93
N ASN B 346 -23.01 -9.97 1.01
CA ASN B 346 -24.45 -9.79 1.26
C ASN B 346 -24.72 -8.78 2.37
N LYS B 347 -23.93 -7.71 2.39
CA LYS B 347 -24.06 -6.67 3.39
C LYS B 347 -23.94 -5.28 2.77
N VAL B 348 -24.26 -4.29 3.60
CA VAL B 348 -24.18 -2.89 3.25
C VAL B 348 -23.43 -2.21 4.39
N ALA B 349 -22.35 -1.53 4.02
CA ALA B 349 -21.55 -0.82 5.01
C ALA B 349 -21.99 0.64 5.06
N VAL B 350 -22.05 1.19 6.26
CA VAL B 350 -22.42 2.59 6.40
C VAL B 350 -21.20 3.36 6.92
N ILE B 351 -20.61 4.17 6.05
CA ILE B 351 -19.44 4.96 6.41
C ILE B 351 -19.85 6.38 6.79
N ASP B 352 -19.68 6.72 8.07
CA ASP B 352 -19.99 8.05 8.55
C ASP B 352 -18.84 8.95 8.10
N SER B 353 -19.14 9.90 7.22
CA SER B 353 -18.10 10.80 6.71
C SER B 353 -17.78 12.00 7.59
N LYS B 354 -18.56 12.22 8.65
CA LYS B 354 -18.30 13.34 9.55
C LYS B 354 -17.37 12.89 10.66
N ASP B 355 -17.78 11.85 11.38
CA ASP B 355 -16.94 11.32 12.46
C ASP B 355 -15.85 10.43 11.89
N ARG B 356 -16.01 10.03 10.64
CA ARG B 356 -15.04 9.22 9.92
C ARG B 356 -14.84 7.85 10.54
N ARG B 357 -15.89 7.05 10.49
CA ARG B 357 -15.88 5.70 11.03
C ARG B 357 -16.95 4.84 10.38
N LEU B 358 -16.87 3.55 10.63
CA LEU B 358 -17.85 2.60 10.13
C LEU B 358 -18.99 2.66 11.14
N SER B 359 -20.14 3.17 10.72
CA SER B 359 -21.32 3.28 11.58
C SER B 359 -21.90 1.89 11.85
N ALA B 360 -22.00 1.07 10.81
CA ALA B 360 -22.55 -0.27 10.93
C ALA B 360 -22.43 -1.12 9.67
N LEU B 361 -22.72 -2.40 9.81
CA LEU B 361 -22.68 -3.37 8.72
C LEU B 361 -24.03 -4.07 8.73
N VAL B 362 -24.88 -3.71 7.77
CA VAL B 362 -26.23 -4.24 7.68
C VAL B 362 -26.39 -5.40 6.71
N ASP B 363 -27.01 -6.48 7.21
CA ASP B 363 -27.27 -7.67 6.40
C ASP B 363 -28.42 -7.41 5.43
N VAL B 364 -28.27 -7.86 4.20
CA VAL B 364 -29.30 -7.68 3.18
C VAL B 364 -29.55 -8.99 2.43
N GLY B 365 -30.09 -8.89 1.21
CA GLY B 365 -30.34 -10.09 0.42
C GLY B 365 -29.10 -10.56 -0.29
N LYS B 366 -29.28 -11.41 -1.30
CA LYS B 366 -28.13 -11.93 -2.06
C LYS B 366 -27.66 -10.95 -3.12
N THR B 367 -26.41 -10.51 -2.96
CA THR B 367 -25.74 -9.59 -3.87
C THR B 367 -26.41 -8.23 -4.04
N PRO B 368 -26.40 -7.41 -2.97
CA PRO B 368 -27.01 -6.09 -3.08
C PRO B 368 -26.31 -5.25 -4.14
N HIS B 369 -27.06 -4.64 -5.00
CA HIS B 369 -26.56 -3.75 -6.07
C HIS B 369 -27.43 -2.50 -6.09
N PRO B 370 -27.11 -1.56 -5.20
CA PRO B 370 -27.86 -0.31 -5.03
C PRO B 370 -27.65 0.73 -6.08
N GLY B 371 -26.55 0.60 -6.83
CA GLY B 371 -26.20 1.82 -7.60
C GLY B 371 -25.88 2.91 -6.61
N ARG B 372 -26.47 4.05 -6.76
CA ARG B 372 -26.21 5.11 -5.80
C ARG B 372 -27.31 5.06 -4.71
N GLY B 373 -28.34 4.26 -4.99
CA GLY B 373 -29.47 4.04 -4.04
C GLY B 373 -30.69 4.91 -4.35
N ALA B 374 -31.67 4.73 -3.40
CA ALA B 374 -32.95 5.44 -3.48
C ALA B 374 -33.32 5.87 -2.06
N ASN B 375 -33.41 7.17 -1.88
CA ASN B 375 -33.71 7.76 -0.58
C ASN B 375 -35.11 8.34 -0.48
N PHE B 376 -35.86 7.93 0.53
CA PHE B 376 -37.19 8.48 0.74
C PHE B 376 -37.59 8.38 2.21
N VAL B 377 -38.65 9.10 2.56
CA VAL B 377 -39.17 9.08 3.91
C VAL B 377 -40.33 8.09 4.00
N HIS B 378 -40.10 7.02 4.75
CA HIS B 378 -41.09 5.97 4.99
C HIS B 378 -42.09 6.53 6.00
N PRO B 379 -43.39 6.28 5.81
CA PRO B 379 -44.39 6.79 6.75
C PRO B 379 -44.21 6.32 8.20
N LYS B 380 -43.86 5.05 8.36
CA LYS B 380 -43.65 4.45 9.67
C LYS B 380 -42.21 4.54 10.20
N TYR B 381 -41.26 4.11 9.38
CA TYR B 381 -39.85 4.06 9.74
C TYR B 381 -39.00 5.32 9.64
N GLY B 382 -39.50 6.34 8.94
CA GLY B 382 -38.74 7.57 8.79
C GLY B 382 -37.82 7.54 7.60
N PRO B 383 -36.77 8.39 7.55
CA PRO B 383 -35.81 8.42 6.44
C PRO B 383 -35.15 7.06 6.19
N VAL B 384 -35.23 6.59 4.96
CA VAL B 384 -34.63 5.31 4.58
C VAL B 384 -33.90 5.41 3.25
N TRP B 385 -32.99 4.45 3.04
CA TRP B 385 -32.19 4.34 1.82
C TRP B 385 -32.41 2.90 1.39
N SER B 386 -32.72 2.68 0.11
CA SER B 386 -32.98 1.35 -0.38
C SER B 386 -32.05 0.85 -1.47
N THR B 387 -32.12 -0.45 -1.70
CA THR B 387 -31.32 -1.12 -2.71
C THR B 387 -32.03 -2.40 -3.15
N SER B 388 -31.82 -2.78 -4.41
CA SER B 388 -32.37 -4.03 -4.91
C SER B 388 -31.16 -4.94 -5.03
N HIS B 389 -31.37 -6.18 -5.45
CA HIS B 389 -30.28 -7.14 -5.55
C HIS B 389 -30.18 -7.80 -6.89
N LEU B 390 -29.05 -8.45 -7.08
CA LEU B 390 -28.78 -9.16 -8.30
C LEU B 390 -29.04 -10.66 -8.11
N GLY B 391 -28.99 -11.10 -6.85
CA GLY B 391 -29.21 -12.50 -6.50
C GLY B 391 -30.61 -12.89 -6.08
N ASP B 392 -31.46 -11.91 -5.78
CA ASP B 392 -32.84 -12.18 -5.41
C ASP B 392 -33.75 -10.97 -5.69
N GLY B 393 -35.06 -11.19 -5.70
CA GLY B 393 -35.99 -10.12 -6.00
C GLY B 393 -36.39 -9.16 -4.89
N SER B 394 -35.63 -9.14 -3.81
CA SER B 394 -35.96 -8.28 -2.68
C SER B 394 -35.38 -6.89 -2.81
N ILE B 395 -36.00 -5.98 -2.05
CA ILE B 395 -35.60 -4.59 -1.96
C ILE B 395 -35.54 -4.28 -0.47
N SER B 396 -34.32 -4.13 0.04
CA SER B 396 -34.11 -3.83 1.46
C SER B 396 -34.18 -2.32 1.69
N LEU B 397 -34.88 -1.94 2.77
CA LEU B 397 -35.02 -0.55 3.16
C LEU B 397 -34.29 -0.42 4.50
N ILE B 398 -33.29 0.46 4.55
CA ILE B 398 -32.48 0.66 5.75
C ILE B 398 -32.69 2.06 6.36
N GLY B 399 -32.83 2.11 7.67
CA GLY B 399 -33.02 3.38 8.37
C GLY B 399 -31.76 4.22 8.37
N THR B 400 -31.89 5.51 8.10
CA THR B 400 -30.73 6.39 8.03
C THR B 400 -30.81 7.64 8.92
N ASP B 401 -31.55 7.56 10.02
CA ASP B 401 -31.73 8.72 10.90
C ASP B 401 -31.42 8.35 12.36
N PRO B 402 -30.13 8.33 12.74
CA PRO B 402 -29.71 7.99 14.11
C PRO B 402 -29.97 9.09 15.14
N LYS B 403 -30.34 10.28 14.66
CA LYS B 403 -30.62 11.40 15.55
C LYS B 403 -32.10 11.45 15.96
N ASN B 404 -33.00 11.30 15.00
CA ASN B 404 -34.43 11.35 15.29
C ASN B 404 -35.20 10.02 15.15
N HIS B 405 -34.48 8.94 14.91
CA HIS B 405 -35.07 7.60 14.76
C HIS B 405 -34.05 6.51 15.13
N PRO B 406 -33.47 6.59 16.33
CA PRO B 406 -32.48 5.62 16.81
C PRO B 406 -32.92 4.15 16.80
N GLN B 407 -34.23 3.92 16.78
CA GLN B 407 -34.80 2.58 16.81
C GLN B 407 -34.59 1.83 15.50
N TYR B 408 -34.57 2.59 14.41
CA TYR B 408 -34.44 2.04 13.06
C TYR B 408 -33.10 2.33 12.38
N ALA B 409 -32.26 3.14 13.02
CA ALA B 409 -30.98 3.50 12.45
C ALA B 409 -30.09 2.29 12.20
N TRP B 410 -29.74 2.11 10.93
CA TRP B 410 -28.88 1.03 10.46
C TRP B 410 -29.51 -0.35 10.62
N LYS B 411 -30.83 -0.43 10.44
CA LYS B 411 -31.52 -1.70 10.53
C LYS B 411 -32.31 -1.95 9.25
N LYS B 412 -32.33 -3.20 8.77
CA LYS B 412 -33.11 -3.51 7.56
C LYS B 412 -34.54 -3.49 8.05
N VAL B 413 -35.06 -2.27 8.09
CA VAL B 413 -36.39 -1.93 8.57
C VAL B 413 -37.56 -2.64 7.88
N ALA B 414 -37.40 -2.95 6.60
CA ALA B 414 -38.44 -3.64 5.83
C ALA B 414 -37.99 -4.05 4.43
N GLU B 415 -38.73 -4.95 3.80
CA GLU B 415 -38.44 -5.44 2.46
C GLU B 415 -39.63 -5.21 1.53
N LEU B 416 -39.33 -5.13 0.24
CA LEU B 416 -40.32 -4.99 -0.82
C LEU B 416 -39.98 -6.12 -1.78
N GLN B 417 -40.84 -6.43 -2.73
CA GLN B 417 -40.55 -7.51 -3.68
C GLN B 417 -40.73 -7.08 -5.13
N GLY B 418 -39.69 -7.30 -5.92
CA GLY B 418 -39.72 -6.95 -7.32
C GLY B 418 -39.99 -8.19 -8.17
N GLN B 419 -39.87 -8.03 -9.49
CA GLN B 419 -40.10 -9.11 -10.43
C GLN B 419 -39.17 -10.30 -10.24
N GLY B 420 -37.97 -10.04 -9.75
CA GLY B 420 -37.02 -11.11 -9.54
C GLY B 420 -35.60 -10.61 -9.43
N GLY B 421 -34.64 -11.52 -9.45
CA GLY B 421 -33.24 -11.16 -9.36
C GLY B 421 -32.70 -10.50 -10.62
N GLY B 422 -31.37 -10.31 -10.65
CA GLY B 422 -30.73 -9.70 -11.80
C GLY B 422 -30.96 -8.20 -11.89
N SER B 423 -31.43 -7.61 -10.79
CA SER B 423 -31.68 -6.17 -10.74
C SER B 423 -30.36 -5.42 -10.61
N LEU B 424 -30.34 -4.19 -11.12
CA LEU B 424 -29.12 -3.43 -11.12
C LEU B 424 -29.26 -2.03 -10.53
N PHE B 425 -30.42 -1.42 -10.69
CA PHE B 425 -30.64 -0.07 -10.19
C PHE B 425 -32.05 0.14 -9.66
N ILE B 426 -32.16 0.94 -8.61
CA ILE B 426 -33.42 1.33 -8.00
C ILE B 426 -33.40 2.85 -8.03
N LYS B 427 -34.55 3.49 -8.20
CA LYS B 427 -34.58 4.94 -8.28
C LYS B 427 -35.82 5.65 -7.75
N THR B 428 -35.64 6.91 -7.38
CA THR B 428 -36.70 7.79 -6.91
C THR B 428 -36.20 9.24 -6.93
N HIS B 429 -37.08 10.18 -6.60
CA HIS B 429 -36.76 11.60 -6.60
C HIS B 429 -37.55 12.25 -5.46
N PRO B 430 -37.01 13.34 -4.86
CA PRO B 430 -37.74 13.99 -3.77
C PRO B 430 -39.15 14.44 -4.16
N LYS B 431 -39.29 14.98 -5.39
CA LYS B 431 -40.59 15.46 -5.89
C LYS B 431 -41.47 14.36 -6.46
N SER B 432 -41.03 13.11 -6.33
CA SER B 432 -41.77 11.97 -6.88
C SER B 432 -42.28 11.02 -5.82
N SER B 433 -43.40 10.36 -6.12
CA SER B 433 -44.00 9.40 -5.19
C SER B 433 -43.88 7.96 -5.71
N HIS B 434 -42.98 7.74 -6.67
CA HIS B 434 -42.74 6.42 -7.26
C HIS B 434 -41.33 5.92 -7.02
N LEU B 435 -41.17 4.60 -6.97
CA LEU B 435 -39.88 3.93 -6.74
C LEU B 435 -39.71 2.87 -7.84
N TYR B 436 -38.74 3.08 -8.73
CA TYR B 436 -38.49 2.18 -9.86
C TYR B 436 -37.37 1.17 -9.60
N VAL B 437 -37.49 0.00 -10.21
CA VAL B 437 -36.52 -1.08 -10.07
C VAL B 437 -36.41 -1.85 -11.38
N ASP B 438 -35.20 -1.88 -11.96
CA ASP B 438 -34.99 -2.60 -13.23
C ASP B 438 -34.59 -4.04 -12.93
N THR B 439 -34.57 -4.88 -13.96
CA THR B 439 -34.17 -6.29 -13.82
C THR B 439 -33.34 -6.70 -15.03
N THR B 440 -32.46 -5.80 -15.42
CA THR B 440 -31.55 -5.95 -16.56
C THR B 440 -30.96 -7.32 -16.87
N PHE B 441 -30.43 -8.00 -15.85
CA PHE B 441 -29.82 -9.31 -16.07
C PHE B 441 -30.64 -10.52 -15.68
N ASN B 442 -31.94 -10.33 -15.46
CA ASN B 442 -32.83 -11.42 -15.13
C ASN B 442 -32.84 -12.31 -16.39
N PRO B 443 -32.70 -13.65 -16.21
CA PRO B 443 -32.69 -14.60 -17.33
C PRO B 443 -33.95 -14.73 -18.19
N ASP B 444 -35.08 -14.26 -17.68
CA ASP B 444 -36.34 -14.28 -18.42
C ASP B 444 -36.43 -12.96 -19.18
N ALA B 445 -36.59 -13.07 -20.49
CA ALA B 445 -36.68 -11.91 -21.39
C ALA B 445 -37.73 -10.88 -21.02
N ARG B 446 -38.97 -11.31 -20.81
CA ARG B 446 -40.04 -10.36 -20.48
C ARG B 446 -39.68 -9.50 -19.26
N ILE B 447 -39.20 -10.16 -18.21
CA ILE B 447 -38.80 -9.51 -16.97
C ILE B 447 -37.62 -8.56 -17.15
N SER B 448 -36.62 -8.98 -17.93
CA SER B 448 -35.43 -8.17 -18.18
C SER B 448 -35.72 -6.97 -19.09
N GLN B 449 -36.85 -7.03 -19.79
CA GLN B 449 -37.28 -6.00 -20.72
C GLN B 449 -38.33 -5.06 -20.15
N SER B 450 -38.45 -5.03 -18.83
CA SER B 450 -39.42 -4.17 -18.15
C SER B 450 -38.87 -3.67 -16.80
N VAL B 451 -39.65 -2.83 -16.14
CA VAL B 451 -39.28 -2.31 -14.82
C VAL B 451 -40.47 -2.31 -13.85
N ALA B 452 -40.20 -2.56 -12.57
CA ALA B 452 -41.24 -2.55 -11.54
C ALA B 452 -41.32 -1.15 -10.91
N VAL B 453 -42.54 -0.66 -10.68
CA VAL B 453 -42.76 0.66 -10.09
C VAL B 453 -43.71 0.59 -8.90
N PHE B 454 -43.18 0.83 -7.70
CA PHE B 454 -43.98 0.80 -6.48
C PHE B 454 -44.54 2.19 -6.21
N ASP B 455 -45.50 2.25 -5.29
CA ASP B 455 -46.15 3.50 -4.89
C ASP B 455 -45.67 3.78 -3.46
N LEU B 456 -45.03 4.93 -3.25
CA LEU B 456 -44.51 5.27 -1.93
C LEU B 456 -45.57 5.78 -0.95
N LYS B 457 -46.78 6.00 -1.47
CA LYS B 457 -47.92 6.45 -0.65
C LYS B 457 -48.78 5.23 -0.33
N ASN B 458 -48.28 4.04 -0.68
CA ASN B 458 -48.98 2.78 -0.45
C ASN B 458 -48.03 1.62 -0.77
N LEU B 459 -47.07 1.39 0.13
CA LEU B 459 -46.07 0.34 -0.02
C LEU B 459 -46.55 -1.09 0.15
N ASP B 460 -47.74 -1.29 0.70
CA ASP B 460 -48.25 -2.64 0.89
C ASP B 460 -48.75 -3.25 -0.42
N ALA B 461 -49.17 -2.38 -1.34
CA ALA B 461 -49.67 -2.77 -2.65
C ALA B 461 -48.53 -3.23 -3.55
N LYS B 462 -48.80 -4.24 -4.37
CA LYS B 462 -47.79 -4.77 -5.28
C LYS B 462 -47.46 -3.75 -6.37
N TYR B 463 -46.28 -3.90 -6.95
CA TYR B 463 -45.79 -3.02 -7.99
C TYR B 463 -46.55 -3.17 -9.31
N GLN B 464 -46.29 -2.26 -10.23
CA GLN B 464 -46.89 -2.28 -11.55
C GLN B 464 -45.75 -2.51 -12.54
N VAL B 465 -45.98 -3.34 -13.53
CA VAL B 465 -44.97 -3.61 -14.55
C VAL B 465 -45.14 -2.66 -15.75
N LEU B 466 -44.05 -1.99 -16.11
CA LEU B 466 -44.05 -1.09 -17.26
C LEU B 466 -43.26 -1.74 -18.39
N PRO B 467 -43.91 -1.96 -19.55
CA PRO B 467 -43.29 -2.57 -20.73
C PRO B 467 -42.38 -1.59 -21.46
N ILE B 468 -41.29 -1.19 -20.80
CA ILE B 468 -40.34 -0.24 -21.35
C ILE B 468 -39.79 -0.67 -22.71
N ALA B 469 -39.25 -1.88 -22.78
CA ALA B 469 -38.70 -2.37 -24.04
C ALA B 469 -39.76 -2.43 -25.13
N GLU B 470 -40.91 -3.00 -24.79
CA GLU B 470 -42.04 -3.14 -25.71
C GLU B 470 -42.51 -1.78 -26.24
N TRP B 471 -42.42 -0.75 -25.40
CA TRP B 471 -42.83 0.59 -25.78
C TRP B 471 -41.91 1.20 -26.82
N ALA B 472 -40.65 0.79 -26.79
CA ALA B 472 -39.65 1.30 -27.73
C ALA B 472 -39.94 0.90 -29.17
N ASP B 473 -40.63 -0.22 -29.35
CA ASP B 473 -40.96 -0.73 -30.69
C ASP B 473 -39.68 -0.81 -31.54
N LEU B 474 -38.75 -1.68 -31.11
CA LEU B 474 -37.46 -1.83 -31.78
C LEU B 474 -37.30 -3.08 -32.63
N GLY B 475 -37.99 -4.15 -32.27
CA GLY B 475 -37.87 -5.39 -33.03
C GLY B 475 -37.03 -6.44 -32.31
N GLU B 476 -36.25 -7.19 -33.07
CA GLU B 476 -35.42 -8.24 -32.49
C GLU B 476 -34.25 -7.76 -31.63
N GLY B 477 -33.82 -8.61 -30.71
CA GLY B 477 -32.73 -8.30 -29.81
C GLY B 477 -33.12 -8.52 -28.35
N ALA B 478 -32.13 -8.71 -27.48
CA ALA B 478 -32.39 -8.92 -26.05
C ALA B 478 -33.18 -7.77 -25.41
N LYS B 479 -32.87 -6.54 -25.83
CA LYS B 479 -33.52 -5.32 -25.33
C LYS B 479 -33.56 -5.18 -23.80
N ARG B 480 -32.41 -5.41 -23.17
CA ARG B 480 -32.30 -5.30 -21.72
C ARG B 480 -32.48 -3.84 -21.33
N VAL B 481 -33.44 -3.58 -20.45
CA VAL B 481 -33.71 -2.23 -19.99
C VAL B 481 -32.83 -1.98 -18.77
N VAL B 482 -32.30 -0.78 -18.64
CA VAL B 482 -31.40 -0.49 -17.54
C VAL B 482 -31.37 0.95 -17.03
N GLN B 483 -31.18 1.06 -15.71
CA GLN B 483 -31.03 2.30 -14.96
C GLN B 483 -32.06 3.41 -15.10
N PRO B 484 -33.02 3.47 -14.17
CA PRO B 484 -34.05 4.51 -14.18
C PRO B 484 -33.39 5.80 -13.71
N GLU B 485 -33.47 6.87 -14.52
CA GLU B 485 -32.86 8.15 -14.17
C GLU B 485 -33.88 9.28 -14.36
N TYR B 486 -34.00 10.17 -13.38
CA TYR B 486 -34.98 11.27 -13.48
C TYR B 486 -34.35 12.49 -14.18
N ASN B 487 -35.20 13.46 -14.48
CA ASN B 487 -34.77 14.74 -15.05
C ASN B 487 -34.69 15.81 -13.96
N LYS B 488 -34.19 16.98 -14.33
CA LYS B 488 -34.03 18.13 -13.45
C LYS B 488 -35.23 18.36 -12.50
N ARG B 489 -36.43 18.50 -13.07
CA ARG B 489 -37.62 18.73 -12.26
C ARG B 489 -38.33 17.48 -11.71
N GLY B 490 -37.68 16.33 -11.88
CA GLY B 490 -38.20 15.06 -11.40
C GLY B 490 -39.58 14.59 -11.87
N ASP B 491 -40.06 15.07 -13.01
CA ASP B 491 -41.37 14.66 -13.50
C ASP B 491 -41.38 13.61 -14.60
N GLU B 492 -40.19 13.21 -15.04
CA GLU B 492 -40.08 12.15 -16.04
C GLU B 492 -38.91 11.26 -15.68
N VAL B 493 -39.04 9.97 -15.99
CA VAL B 493 -37.99 8.99 -15.69
C VAL B 493 -37.53 8.32 -16.98
N TRP B 494 -36.22 8.36 -17.05
CA TRP B 494 -35.64 7.82 -18.29
C TRP B 494 -35.10 6.42 -18.05
N PHE B 495 -35.18 5.64 -19.11
CA PHE B 495 -34.70 4.25 -19.13
C PHE B 495 -33.94 4.01 -20.40
N SER B 496 -33.00 3.10 -20.31
CA SER B 496 -32.16 2.74 -21.43
C SER B 496 -32.47 1.33 -21.92
N VAL B 497 -32.81 1.28 -23.19
CA VAL B 497 -33.11 0.03 -23.89
C VAL B 497 -31.83 -0.37 -24.61
N TRP B 498 -31.01 -0.99 -23.80
CA TRP B 498 -29.68 -1.46 -24.16
C TRP B 498 -29.75 -2.73 -25.02
N ASN B 499 -29.69 -2.50 -26.32
CA ASN B 499 -29.72 -3.58 -27.32
C ASN B 499 -28.33 -3.73 -27.94
N GLY B 500 -28.12 -4.78 -28.73
CA GLY B 500 -26.83 -5.02 -29.33
C GLY B 500 -26.34 -3.94 -30.28
N LYS B 501 -25.03 -3.91 -30.50
CA LYS B 501 -24.39 -2.95 -31.38
C LYS B 501 -24.92 -2.95 -32.82
N ASN B 502 -25.32 -4.12 -33.30
CA ASN B 502 -25.84 -4.28 -34.66
C ASN B 502 -27.36 -4.16 -34.70
N ASP B 503 -27.98 -4.29 -33.53
CA ASP B 503 -29.43 -4.18 -33.40
C ASP B 503 -29.82 -2.70 -33.24
N SER B 504 -31.06 -2.44 -32.85
CA SER B 504 -31.54 -1.06 -32.69
C SER B 504 -31.90 -0.72 -31.24
N SER B 505 -31.39 0.41 -30.76
CA SER B 505 -31.68 0.84 -29.38
C SER B 505 -32.44 2.15 -29.30
N ALA B 506 -32.78 2.51 -28.06
CA ALA B 506 -33.51 3.74 -27.76
C ALA B 506 -33.51 4.09 -26.26
N LEU B 507 -34.01 5.27 -25.92
CA LEU B 507 -34.14 5.68 -24.53
C LEU B 507 -35.62 5.93 -24.38
N VAL B 508 -36.26 5.20 -23.48
CA VAL B 508 -37.68 5.37 -23.25
C VAL B 508 -37.89 6.26 -22.04
N VAL B 509 -38.72 7.28 -22.23
CA VAL B 509 -39.05 8.26 -21.19
C VAL B 509 -40.48 8.06 -20.71
N VAL B 510 -40.67 8.11 -19.39
CA VAL B 510 -42.00 7.94 -18.79
C VAL B 510 -42.43 9.21 -18.04
N ASP B 511 -43.73 9.49 -18.10
CA ASP B 511 -44.32 10.62 -17.41
C ASP B 511 -44.59 10.12 -15.99
N ASP B 512 -43.69 10.48 -15.08
CA ASP B 512 -43.77 10.06 -13.68
C ASP B 512 -45.09 10.29 -12.95
N LYS B 513 -45.83 11.33 -13.33
CA LYS B 513 -47.11 11.63 -12.70
C LYS B 513 -48.19 10.65 -13.13
N THR B 514 -48.18 10.27 -14.41
CA THR B 514 -49.17 9.35 -14.98
C THR B 514 -48.70 7.92 -15.29
N LEU B 515 -47.40 7.66 -15.15
CA LEU B 515 -46.83 6.34 -15.45
C LEU B 515 -47.11 5.95 -16.90
N LYS B 516 -47.37 6.96 -17.73
CA LYS B 516 -47.66 6.75 -19.15
C LYS B 516 -46.44 7.05 -20.00
N LEU B 517 -46.40 6.47 -21.21
CA LEU B 517 -45.29 6.69 -22.13
C LEU B 517 -45.29 8.16 -22.52
N LYS B 518 -44.15 8.81 -22.38
CA LYS B 518 -44.03 10.23 -22.74
C LYS B 518 -43.30 10.44 -24.03
N ALA B 519 -42.19 9.70 -24.22
CA ALA B 519 -41.40 9.84 -25.42
C ALA B 519 -40.45 8.65 -25.61
N VAL B 520 -39.84 8.57 -26.80
CA VAL B 520 -38.88 7.53 -27.16
C VAL B 520 -37.78 8.17 -28.02
N VAL B 521 -36.53 8.07 -27.55
CA VAL B 521 -35.38 8.63 -28.24
C VAL B 521 -34.62 7.61 -29.08
N LYS B 522 -34.70 7.79 -30.39
CA LYS B 522 -34.04 6.91 -31.34
C LYS B 522 -33.14 7.75 -32.22
N ASP B 523 -32.05 7.16 -32.66
CA ASP B 523 -31.08 7.86 -33.49
C ASP B 523 -30.07 6.83 -33.96
N PRO B 524 -29.68 6.86 -35.25
CA PRO B 524 -28.71 5.88 -35.75
C PRO B 524 -27.40 5.90 -34.95
N ARG B 525 -27.15 7.02 -34.28
CA ARG B 525 -25.95 7.21 -33.46
C ARG B 525 -26.07 6.66 -32.04
N LEU B 526 -27.29 6.42 -31.59
CA LEU B 526 -27.53 5.89 -30.25
C LEU B 526 -27.22 4.40 -30.22
N ILE B 527 -25.93 4.07 -30.13
CA ILE B 527 -25.45 2.71 -30.11
C ILE B 527 -25.19 2.17 -28.71
N THR B 528 -25.84 1.07 -28.39
CA THR B 528 -25.71 0.40 -27.11
C THR B 528 -25.74 1.37 -25.94
N PRO B 529 -26.85 2.09 -25.75
CA PRO B 529 -26.93 3.03 -24.64
C PRO B 529 -27.05 2.30 -23.31
N THR B 530 -26.25 2.70 -22.35
CA THR B 530 -26.27 2.08 -21.02
C THR B 530 -26.58 3.09 -19.92
N GLY B 531 -25.54 3.71 -19.35
CA GLY B 531 -25.75 4.70 -18.31
C GLY B 531 -26.15 6.05 -18.86
N LYS B 532 -27.02 6.75 -18.15
CA LYS B 532 -27.49 8.08 -18.51
C LYS B 532 -27.34 8.86 -17.22
N PHE B 533 -26.86 10.10 -17.32
CA PHE B 533 -26.67 10.93 -16.13
C PHE B 533 -27.14 12.35 -16.35
N ASN B 534 -28.23 12.68 -15.68
CA ASN B 534 -28.77 14.02 -15.76
C ASN B 534 -27.77 14.91 -15.02
N VAL B 535 -27.30 15.96 -15.69
CA VAL B 535 -26.31 16.88 -15.12
C VAL B 535 -26.63 17.37 -13.70
N TYR B 536 -27.85 17.85 -13.48
CA TYR B 536 -28.23 18.36 -12.16
C TYR B 536 -28.21 17.28 -11.07
N ASN B 537 -29.03 16.24 -11.26
CA ASN B 537 -29.15 15.12 -10.32
C ASN B 537 -27.83 14.44 -9.97
N THR B 538 -26.89 14.41 -10.91
CA THR B 538 -25.57 13.82 -10.69
C THR B 538 -24.71 14.78 -9.86
N GLN B 539 -24.77 16.06 -10.22
CA GLN B 539 -24.00 17.08 -9.55
C GLN B 539 -24.43 17.36 -8.13
N HIS B 540 -25.74 17.32 -7.88
CA HIS B 540 -26.28 17.61 -6.55
C HIS B 540 -26.80 16.37 -5.84
N ASP B 541 -26.25 15.22 -6.21
CA ASP B 541 -26.60 13.93 -5.64
C ASP B 541 -28.08 13.78 -5.32
N VAL B 542 -28.92 14.10 -6.29
CA VAL B 542 -30.35 13.98 -6.07
C VAL B 542 -30.82 12.55 -6.33
N TYR B 543 -30.87 11.74 -5.27
CA TYR B 543 -31.33 10.36 -5.34
C TYR B 543 -31.72 9.83 -3.96
FE HEC C . 25.71 -7.12 -7.88
CHA HEC C . 25.59 -4.93 -10.44
CHB HEC C . 25.03 -9.70 -9.93
CHC HEC C . 26.13 -9.32 -5.30
CHD HEC C . 26.07 -4.53 -5.67
NA HEC C . 25.35 -7.28 -9.78
C1A HEC C . 25.34 -6.29 -10.70
C2A HEC C . 25.09 -6.82 -12.02
C3A HEC C . 24.94 -8.15 -11.90
C4A HEC C . 25.10 -8.42 -10.49
CMA HEC C . 24.81 -9.12 -13.05
CAA HEC C . 25.14 -6.06 -13.32
CBA HEC C . 23.81 -5.43 -13.63
CGA HEC C . 23.72 -4.97 -15.07
O1A HEC C . 24.56 -4.13 -15.48
O2A HEC C . 22.83 -5.46 -15.78
NB HEC C . 25.63 -9.08 -7.66
C1B HEC C . 25.25 -10.01 -8.62
C2B HEC C . 25.18 -11.34 -8.09
C3B HEC C . 25.61 -11.24 -6.81
C4B HEC C . 25.85 -9.83 -6.54
CMB HEC C . 24.65 -12.59 -8.83
CAB HEC C . 25.74 -12.33 -5.76
CBB HEC C . 26.54 -13.60 -6.04
NC HEC C . 26.09 -6.99 -5.93
C1C HEC C . 26.25 -7.98 -4.98
C2C HEC C . 26.49 -7.45 -3.65
C3C HEC C . 26.49 -6.13 -3.73
C4C HEC C . 26.22 -5.82 -5.16
CMC HEC C . 26.59 -8.21 -2.35
CAC HEC C . 26.43 -5.13 -2.57
CBC HEC C . 27.36 -5.10 -1.37
ND HEC C . 25.83 -5.16 -8.04
C1D HEC C . 25.91 -4.23 -7.01
C2D HEC C . 25.91 -2.84 -7.57
C3D HEC C . 25.91 -2.96 -8.93
C4D HEC C . 25.81 -4.40 -9.19
CMD HEC C . 25.90 -1.54 -6.81
CAD HEC C . 26.17 -1.85 -9.95
CBD HEC C . 27.65 -1.51 -10.10
CGD HEC C . 27.99 -0.63 -11.32
O1D HEC C . 29.18 -0.47 -11.64
O2D HEC C . 27.05 -0.09 -11.97
FE DHE D . 22.36 -2.32 11.02
CHA DHE D . 20.78 -0.11 13.05
CHB DHE D . 19.79 -2.25 8.86
CHC DHE D . 24.35 -3.69 8.79
CHD DHE D . 24.31 -3.37 13.58
NA DHE D . 20.66 -1.13 10.83
C1A DHE D . 20.13 -0.37 11.85
C2A DHE D . 18.83 0.07 11.43
C3A DHE D . 18.55 -0.55 10.24
C4A DHE D . 19.67 -1.36 9.92
CMA DHE D . 17.32 -0.42 9.40
CAA DHE D . 17.98 1.07 12.15
CBA DHE D . 16.96 0.50 13.02
CGA DHE D . 16.35 1.47 13.94
O1A DHE D . 17.09 2.30 14.51
O2A DHE D . 15.09 1.45 14.13
NB DHE D . 22.11 -2.95 9.09
C1B DHE D . 20.94 -2.83 8.42
C2B DHE D . 21.07 -3.44 7.10
OMB DHE D . 20.17 -3.67 6.32
C3B DHE D . 22.54 -3.75 6.89
CGB DHE D . 23.09 -2.63 5.88
CAB DHE D . 22.78 -5.11 6.35
CBB DHE D . 22.62 -6.23 7.29
O1B DHE D . 23.23 -7.31 7.08
O2B DHE D . 21.88 -6.10 8.27
C4B DHE D . 23.07 -3.46 8.31
NC DHE D . 24.00 -3.54 11.20
C1C DHE D . 24.72 -3.91 10.10
C2C DHE D . 25.91 -4.66 10.53
OMC DHE D . 26.73 -5.17 9.82
C3C DHE D . 25.90 -4.69 12.06
CGC DHE D . 27.24 -3.91 12.53
CAC DHE D . 25.89 -6.06 12.62
CBC DHE D . 24.73 -6.91 12.24
O1C DHE D . 24.26 -7.70 13.11
O2C DHE D . 24.27 -6.83 11.08
C4C DHE D . 24.69 -3.81 12.34
ND DHE D . 22.64 -1.68 12.98
C1D DHE D . 23.46 -2.30 13.88
C2D DHE D . 23.30 -1.64 15.14
C3D DHE D . 22.37 -0.63 14.95
C4D DHE D . 21.86 -0.76 13.62
CMD DHE D . 24.05 -2.00 16.37
CAD DHE D . 21.94 0.42 15.91
CBD DHE D . 22.70 1.21 16.57
CGD DHE D . 22.29 2.46 17.22
O1D DHE D . 23.09 3.04 17.96
O2D DHE D . 21.14 2.89 16.98
N NO E . 23.45 -1.00 10.44
O NO E . 23.33 -0.07 9.75
FE HEC F . -14.73 -19.66 -13.00
CHA HEC F . -14.69 -21.49 -10.20
CHB HEC F . -12.26 -21.52 -14.36
CHC HEC F . -14.97 -17.93 -15.90
CHD HEC F . -16.92 -17.51 -11.58
NA HEC F . -13.75 -21.22 -12.43
C1A HEC F . -13.81 -21.84 -11.24
C2A HEC F . -12.94 -22.99 -11.23
C3A HEC F . -12.30 -23.07 -12.40
C4A HEC F . -12.80 -21.93 -13.15
CMA HEC F . -11.36 -24.17 -12.89
CAA HEC F . -12.91 -24.03 -10.14
CBA HEC F . -11.81 -23.67 -9.18
CGA HEC F . -11.60 -24.72 -8.13
O1A HEC F . -12.59 -25.15 -7.52
O2A HEC F . -10.45 -25.13 -7.92
NB HEC F . -13.75 -19.64 -14.73
C1B HEC F . -12.69 -20.44 -15.11
C2B HEC F . -12.29 -20.24 -16.49
C3B HEC F . -13.18 -19.32 -16.95
C4B HEC F . -14.04 -18.94 -15.85
CMB HEC F . -11.05 -20.82 -17.19
CAB HEC F . -13.15 -18.56 -18.25
CBB HEC F . -12.99 -19.31 -19.56
NC HEC F . -15.74 -18.08 -13.63
C1C HEC F . -15.76 -17.51 -14.88
C2C HEC F . -16.64 -16.32 -14.93
C3C HEC F . -17.17 -16.19 -13.70
C4C HEC F . -16.59 -17.28 -12.89
CMC HEC F . -16.84 -15.36 -16.09
CAC HEC F . -18.09 -15.09 -13.16
CBC HEC F . -19.24 -14.51 -13.95
ND HEC F . -15.70 -19.62 -11.30
C1D HEC F . -16.57 -18.62 -10.85
C2D HEC F . -17.05 -18.88 -9.49
C3D HEC F . -16.48 -20.05 -9.10
C4D HEC F . -15.61 -20.48 -10.23
CMD HEC F . -18.00 -18.02 -8.69
CAD HEC F . -16.80 -20.74 -7.79
CBD HEC F . -17.50 -22.08 -8.01
CGD HEC F . -18.15 -22.63 -6.74
O1D HEC F . -19.05 -23.50 -6.86
O2D HEC F . -17.79 -22.19 -5.63
FE DHE G . -21.03 -1.09 -13.55
CHA DHE G . -21.38 1.74 -11.74
CHB DHE G . -18.15 -1.85 -11.94
CHC DHE G . -21.34 -4.21 -14.68
CHD DHE G . -23.08 0.10 -15.98
NA DHE G . -20.06 -0.30 -11.90
C1A DHE G . -20.34 0.92 -11.33
C2A DHE G . -19.37 1.14 -10.32
C3A DHE G . -18.42 0.16 -10.40
C4A DHE G . -18.83 -0.73 -11.43
CMA DHE G . -17.18 0.01 -9.58
CAA DHE G . -19.41 2.29 -9.36
CBA DHE G . -18.81 3.49 -9.90
CGA DHE G . -18.85 4.66 -9.04
O1A DHE G . -19.94 4.94 -8.47
O2A DHE G . -17.80 5.32 -8.88
NB DHE G . -19.92 -2.83 -13.33
C1B DHE G . -18.73 -2.87 -12.67
C2B DHE G . -18.13 -4.22 -12.83
OMB DHE G . -17.03 -4.56 -12.45
C3B DHE G . -19.15 -5.08 -13.55
CGB DHE G . -19.69 -6.12 -12.45
CAB DHE G . -18.60 -5.84 -14.69
CBB DHE G . -18.13 -5.04 -15.83
O1B DHE G . -18.05 -5.59 -16.96
O2B DHE G . -17.81 -3.84 -15.64
C4B DHE G . -20.22 -4.03 -13.88
NC DHE G . -21.97 -1.90 -15.20
C1C DHE G . -22.00 -3.25 -15.43
C2C DHE G . -22.77 -3.53 -16.64
OMC DHE G . -22.97 -4.61 -17.15
C3C DHE G . -23.27 -2.20 -17.18
CGC DHE G . -24.88 -2.28 -17.13
CAC DHE G . -22.84 -1.90 -18.55
CBC DHE G . -21.39 -1.76 -18.75
O1C DHE G . -20.98 -0.82 -19.48
O2C DHE G . -20.62 -2.59 -18.19
C4C DHE G . -22.77 -1.24 -16.08
ND DHE G . -22.19 0.60 -13.73
C1D DHE G . -22.94 0.93 -14.85
C2D DHE G . -23.48 2.25 -14.64
C3D DHE G . -23.06 2.66 -13.39
C4D DHE G . -22.16 1.68 -12.88
CMD DHE G . -24.35 2.98 -15.60
CAD DHE G . -23.45 3.88 -12.67
CBD DHE G . -24.65 4.21 -12.35
CGD DHE G . -25.02 5.21 -11.35
O1D DHE G . -26.18 5.68 -11.40
O2D DHE G . -24.16 5.57 -10.50
N NO H . -22.28 -1.81 -12.48
O NO H . -22.41 -2.20 -11.41
#